data_6ZJ8
#
_entry.id   6ZJ8
#
_cell.length_a   121.960
_cell.length_b   122.288
_cell.length_c   105.283
_cell.angle_alpha   90.000
_cell.angle_beta   90.000
_cell.angle_gamma   90.000
#
_symmetry.space_group_name_H-M   'P 21 21 2'
#
loop_
_entity.id
_entity.type
_entity.pdbx_description
1 polymer 'Virulence sensor protein BvgS'
2 water water
#
_entity_poly.entity_id   1
_entity_poly.type   'polypeptide(L)'
_entity_poly.pdbx_seq_one_letter_code
;MASRGSHHHHHHGAAERALNDQLEFMRVLIDGTPNPIYVRDKEGRMLLCNDAYLDTFGVTADAVLGKTIPEANVVGDPAL
AREMHEFLLTRVAAEREPRFEDRDVTLHGRTRHVYQWTIPYGDSLGELKGIIGGWIDITERAELLRKLHDLKESLDAANR
AK
;
_entity_poly.pdbx_strand_id   A,B,C,D,E,F,G,H
#
# COMPACT_ATOMS: atom_id res chain seq x y z
N GLU A 16 6.53 36.40 40.64
CA GLU A 16 5.97 35.07 40.84
C GLU A 16 5.12 34.66 39.64
N ARG A 17 4.31 35.59 39.15
CA ARG A 17 3.51 35.30 37.97
C ARG A 17 4.38 34.91 36.79
N ALA A 18 5.57 35.49 36.69
CA ALA A 18 6.46 35.18 35.57
C ALA A 18 6.84 33.70 35.56
N LEU A 19 6.99 33.08 36.73
CA LEU A 19 7.40 31.68 36.77
C LEU A 19 6.28 30.77 36.27
N ASN A 20 5.06 30.99 36.72
CA ASN A 20 3.95 30.13 36.32
C ASN A 20 3.71 30.20 34.82
N ASP A 21 3.85 31.38 34.22
CA ASP A 21 3.67 31.50 32.78
C ASP A 21 4.71 30.67 32.03
N GLN A 22 5.96 30.70 32.49
CA GLN A 22 6.98 29.81 31.93
C GLN A 22 6.59 28.35 32.13
N LEU A 23 6.15 28.00 33.34
CA LEU A 23 5.73 26.63 33.62
C LEU A 23 4.60 26.20 32.69
N GLU A 24 3.59 27.06 32.54
CA GLU A 24 2.52 26.78 31.60
C GLU A 24 3.07 26.62 30.19
N PHE A 25 4.04 27.45 29.82
CA PHE A 25 4.68 27.33 28.52
C PHE A 25 5.39 26.00 28.37
N MET A 26 6.10 25.57 29.41
CA MET A 26 6.79 24.28 29.35
C MET A 26 5.79 23.13 29.31
N ARG A 27 4.69 23.25 30.05
CA ARG A 27 3.64 22.23 29.99
C ARG A 27 3.17 22.02 28.55
N VAL A 28 2.94 23.11 27.82
CA VAL A 28 2.51 22.99 26.43
C VAL A 28 3.65 22.47 25.56
N LEU A 29 4.87 22.99 25.77
CA LEU A 29 5.98 22.62 24.91
C LEU A 29 6.32 21.14 25.02
N ILE A 30 6.21 20.57 26.21
CA ILE A 30 6.64 19.20 26.47
C ILE A 30 5.47 18.23 26.43
N ASP A 31 4.36 18.57 27.07
CA ASP A 31 3.19 17.70 27.12
C ASP A 31 2.18 18.00 26.02
N GLY A 32 2.41 19.02 25.19
CA GLY A 32 1.37 19.45 24.28
C GLY A 32 1.83 19.89 22.90
N THR A 33 2.91 19.29 22.39
CA THR A 33 3.30 19.51 21.02
C THR A 33 3.33 18.19 20.27
N PRO A 34 2.76 18.12 19.05
CA PRO A 34 2.56 16.82 18.40
C PRO A 34 3.81 16.24 17.76
N ASN A 35 4.71 17.09 17.27
CA ASN A 35 5.88 16.54 16.61
C ASN A 35 7.06 16.46 17.56
N PRO A 36 7.88 15.41 17.48
CA PRO A 36 9.07 15.33 18.34
C PRO A 36 9.97 16.55 18.18
N ILE A 37 10.42 17.08 19.32
CA ILE A 37 11.38 18.17 19.33
C ILE A 37 12.29 17.97 20.54
N TYR A 38 13.56 18.32 20.36
CA TYR A 38 14.57 18.17 21.40
C TYR A 38 15.52 19.37 21.34
N VAL A 39 16.34 19.49 22.38
CA VAL A 39 17.42 20.46 22.43
C VAL A 39 18.66 19.76 22.94
N ARG A 40 19.75 19.86 22.18
CA ARG A 40 21.01 19.20 22.50
C ARG A 40 22.11 20.24 22.55
N ASP A 41 22.90 20.23 23.62
CA ASP A 41 23.95 21.23 23.79
C ASP A 41 25.14 20.92 22.88
N LYS A 42 26.18 21.74 23.01
CA LYS A 42 27.36 21.57 22.17
C LYS A 42 28.03 20.21 22.42
N GLU A 43 28.19 19.84 23.69
CA GLU A 43 28.83 18.57 24.05
C GLU A 43 27.93 17.36 23.79
N GLY A 44 26.75 17.53 23.20
CA GLY A 44 25.90 16.40 22.86
C GLY A 44 24.89 16.00 23.90
N ARG A 45 24.84 16.68 25.05
CA ARG A 45 23.91 16.32 26.10
C ARG A 45 22.51 16.85 25.78
N MET A 46 21.51 16.03 26.07
CA MET A 46 20.12 16.37 25.77
C MET A 46 19.54 17.21 26.90
N LEU A 47 19.10 18.42 26.57
CA LEU A 47 18.54 19.34 27.55
C LEU A 47 17.03 19.29 27.63
N LEU A 48 16.36 19.03 26.51
CA LEU A 48 14.90 19.04 26.47
C LEU A 48 14.42 18.07 25.40
N CYS A 49 13.29 17.44 25.67
CA CYS A 49 12.61 16.61 24.68
C CYS A 49 11.16 16.49 25.10
N ASN A 50 10.24 16.69 24.14
CA ASN A 50 8.82 16.64 24.46
C ASN A 50 8.35 15.19 24.49
N ASP A 51 7.07 15.00 24.81
CA ASP A 51 6.52 13.66 24.92
C ASP A 51 6.42 12.96 23.57
N ALA A 52 6.27 13.73 22.49
CA ALA A 52 6.31 13.11 21.16
C ALA A 52 7.65 12.44 20.91
N TYR A 53 8.74 13.09 21.34
CA TYR A 53 10.05 12.46 21.28
C TYR A 53 10.09 11.22 22.16
N LEU A 54 9.79 11.37 23.44
CA LEU A 54 9.96 10.28 24.40
C LEU A 54 9.06 9.09 24.05
N ASP A 55 7.81 9.37 23.66
CA ASP A 55 6.87 8.28 23.43
C ASP A 55 7.15 7.51 22.14
N THR A 56 7.86 8.12 21.19
CA THR A 56 8.31 7.36 20.03
C THR A 56 9.05 6.11 20.47
N PHE A 57 9.82 6.20 21.55
CA PHE A 57 10.65 5.11 22.03
C PHE A 57 10.10 4.46 23.30
N GLY A 58 9.02 4.98 23.86
CA GLY A 58 8.43 4.40 25.05
C GLY A 58 9.26 4.57 26.30
N VAL A 59 10.02 5.66 26.41
CA VAL A 59 10.84 5.93 27.59
C VAL A 59 10.37 7.21 28.27
N THR A 60 10.97 7.52 29.41
CA THR A 60 10.69 8.71 30.18
C THR A 60 11.85 9.69 30.06
N ALA A 61 11.63 10.90 30.57
CA ALA A 61 12.67 11.92 30.50
C ALA A 61 13.91 11.55 31.30
N ASP A 62 13.74 10.82 32.40
CA ASP A 62 14.88 10.46 33.24
C ASP A 62 15.91 9.62 32.49
N ALA A 63 15.52 8.97 31.40
CA ALA A 63 16.43 8.16 30.62
C ALA A 63 17.16 8.93 29.54
N VAL A 64 16.86 10.22 29.37
CA VAL A 64 17.37 10.98 28.23
C VAL A 64 18.08 12.24 28.69
N LEU A 65 17.42 13.02 29.55
CA LEU A 65 17.96 14.31 29.96
C LEU A 65 19.33 14.15 30.60
N GLY A 66 20.27 14.99 30.19
CA GLY A 66 21.62 14.94 30.68
C GLY A 66 22.50 13.87 30.06
N LYS A 67 21.96 13.10 29.11
CA LYS A 67 22.66 11.97 28.52
C LYS A 67 22.79 12.16 27.02
N THR A 68 23.67 11.39 26.41
CA THR A 68 24.10 11.63 25.03
C THR A 68 23.68 10.49 24.11
N ILE A 69 23.69 10.80 22.81
CA ILE A 69 23.49 9.82 21.75
C ILE A 69 24.78 9.77 20.94
N PRO A 70 25.75 8.93 21.32
CA PRO A 70 27.05 8.98 20.65
C PRO A 70 26.95 8.65 19.17
N GLU A 71 27.88 9.21 18.39
CA GLU A 71 27.94 8.91 16.96
C GLU A 71 28.48 7.51 16.72
N ALA A 72 29.50 7.12 17.47
CA ALA A 72 30.09 5.80 17.33
C ALA A 72 29.25 4.76 18.05
N ASN A 73 29.38 3.51 17.60
CA ASN A 73 28.65 2.40 18.22
C ASN A 73 29.22 2.13 19.61
N VAL A 74 28.33 2.01 20.58
CA VAL A 74 28.71 1.72 21.96
C VAL A 74 28.80 0.20 22.13
N VAL A 75 29.67 -0.24 23.03
CA VAL A 75 29.77 -1.66 23.33
C VAL A 75 28.41 -2.17 23.77
N GLY A 76 28.11 -3.42 23.40
CA GLY A 76 26.85 -4.03 23.74
C GLY A 76 25.68 -3.65 22.85
N ASP A 77 25.88 -2.74 21.89
CA ASP A 77 24.83 -2.34 20.96
C ASP A 77 23.55 -1.95 21.71
N PRO A 78 23.63 -0.98 22.62
CA PRO A 78 22.44 -0.63 23.41
C PRO A 78 21.31 -0.13 22.52
N ALA A 79 20.11 -0.66 22.77
CA ALA A 79 18.99 -0.42 21.86
C ALA A 79 18.58 1.04 21.85
N LEU A 80 18.36 1.64 23.02
CA LEU A 80 17.77 2.97 23.08
C LEU A 80 18.62 3.97 22.31
N ALA A 81 19.92 4.01 22.59
CA ALA A 81 20.81 4.91 21.87
C ALA A 81 20.79 4.62 20.37
N ARG A 82 20.78 3.34 20.01
CA ARG A 82 20.77 2.97 18.59
C ARG A 82 19.53 3.52 17.89
N GLU A 83 18.36 3.32 18.48
CA GLU A 83 17.13 3.78 17.85
C GLU A 83 17.09 5.30 17.73
N MET A 84 17.51 6.01 18.77
CA MET A 84 17.50 7.47 18.72
C MET A 84 18.46 7.99 17.65
N HIS A 85 19.62 7.34 17.49
CA HIS A 85 20.60 7.81 16.53
C HIS A 85 19.99 7.90 15.13
N GLU A 86 19.11 6.97 14.79
CA GLU A 86 18.51 6.98 13.46
C GLU A 86 17.64 8.22 13.24
N PHE A 87 16.89 8.62 14.26
CA PHE A 87 16.00 9.77 14.11
C PHE A 87 16.76 11.09 14.16
N LEU A 88 17.90 11.13 14.82
CA LEU A 88 18.67 12.36 14.94
C LEU A 88 19.58 12.53 13.72
N LEU A 89 20.22 13.70 13.65
CA LEU A 89 21.16 14.02 12.60
C LEU A 89 22.58 14.00 13.16
N THR A 90 23.54 13.69 12.30
CA THR A 90 24.93 13.61 12.71
C THR A 90 25.42 14.99 13.16
N ARG A 91 26.43 14.98 14.02
CA ARG A 91 26.98 16.20 14.62
C ARG A 91 28.05 16.75 13.68
N VAL A 92 27.71 17.80 12.94
CA VAL A 92 28.63 18.37 11.96
C VAL A 92 29.60 19.32 12.64
N ALA A 93 30.74 19.54 11.99
CA ALA A 93 31.80 20.37 12.54
C ALA A 93 31.33 21.78 12.85
N ALA A 94 30.53 21.93 13.91
CA ALA A 94 30.05 23.23 14.37
C ALA A 94 29.40 24.01 13.22
N GLU A 95 28.24 23.51 12.81
CA GLU A 95 27.49 24.15 11.73
C GLU A 95 26.67 25.31 12.26
N ARG A 96 26.69 26.42 11.52
CA ARG A 96 26.00 27.64 11.90
C ARG A 96 24.72 27.87 11.11
N GLU A 97 24.25 26.88 10.36
CA GLU A 97 23.11 27.03 9.47
C GLU A 97 22.13 25.89 9.68
N PRO A 98 20.84 26.12 9.48
CA PRO A 98 19.87 25.03 9.62
C PRO A 98 20.20 23.86 8.71
N ARG A 99 19.79 22.67 9.15
CA ARG A 99 19.95 21.44 8.39
C ARG A 99 18.60 20.77 8.20
N PHE A 100 18.44 20.11 7.06
CA PHE A 100 17.21 19.39 6.74
C PHE A 100 17.55 18.11 5.98
N GLU A 101 16.99 16.99 6.44
CA GLU A 101 17.15 15.72 5.76
C GLU A 101 15.86 14.92 5.92
N ASP A 102 15.70 13.94 5.04
CA ASP A 102 14.56 13.03 5.12
C ASP A 102 15.03 11.62 4.78
N ARG A 103 14.54 10.65 5.53
CA ARG A 103 14.96 9.26 5.38
C ARG A 103 13.87 8.37 5.96
N ASP A 104 14.01 7.07 5.71
CA ASP A 104 13.17 6.07 6.36
C ASP A 104 13.88 5.56 7.59
N VAL A 105 13.10 5.32 8.65
CA VAL A 105 13.62 4.78 9.89
C VAL A 105 12.72 3.63 10.33
N THR A 106 13.33 2.56 10.81
CA THR A 106 12.63 1.35 11.21
C THR A 106 12.68 1.21 12.72
N LEU A 107 11.53 1.03 13.34
CA LEU A 107 11.42 0.99 14.79
C LEU A 107 10.14 0.25 15.15
N HIS A 108 10.25 -0.72 16.05
CA HIS A 108 9.09 -1.48 16.51
C HIS A 108 8.41 -2.20 15.35
N GLY A 109 9.22 -2.71 14.42
CA GLY A 109 8.72 -3.41 13.26
C GLY A 109 8.04 -2.54 12.22
N ARG A 110 8.02 -1.22 12.40
CA ARG A 110 7.36 -0.30 11.47
C ARG A 110 8.40 0.66 10.91
N THR A 111 8.36 0.84 9.59
CA THR A 111 9.27 1.76 8.90
C THR A 111 8.54 3.07 8.61
N ARG A 112 9.12 4.18 9.05
CA ARG A 112 8.51 5.50 8.91
C ARG A 112 9.41 6.39 8.08
N HIS A 113 8.80 7.12 7.15
CA HIS A 113 9.48 8.21 6.44
C HIS A 113 9.40 9.47 7.30
N VAL A 114 10.56 10.02 7.66
CA VAL A 114 10.61 11.14 8.59
C VAL A 114 11.35 12.31 7.95
N TYR A 115 10.92 13.51 8.30
CA TYR A 115 11.55 14.75 7.88
C TYR A 115 12.29 15.33 9.09
N GLN A 116 13.62 15.33 9.02
CA GLN A 116 14.48 15.70 10.15
C GLN A 116 15.03 17.11 9.97
N TRP A 117 15.23 17.81 11.08
CA TRP A 117 15.68 19.19 11.04
C TRP A 117 16.46 19.53 12.31
N THR A 118 17.37 20.50 12.17
CA THR A 118 18.09 21.05 13.31
C THR A 118 18.37 22.53 13.07
N ILE A 119 18.30 23.32 14.14
CA ILE A 119 18.61 24.74 14.10
C ILE A 119 19.65 25.00 15.18
N PRO A 120 20.81 25.56 14.85
CA PRO A 120 21.77 25.93 15.89
C PRO A 120 21.45 27.29 16.49
N TYR A 121 21.93 27.49 17.71
CA TYR A 121 21.68 28.73 18.45
C TYR A 121 22.91 29.08 19.27
N GLY A 122 22.94 30.34 19.72
CA GLY A 122 24.02 30.82 20.55
C GLY A 122 23.52 31.80 21.59
N ASP A 123 24.40 32.15 22.51
CA ASP A 123 24.08 33.11 23.58
C ASP A 123 24.46 34.53 23.20
N SER A 124 24.21 34.92 21.95
CA SER A 124 24.74 36.17 21.41
C SER A 124 26.26 36.08 21.37
N LEU A 125 26.93 37.14 20.95
CA LEU A 125 28.38 37.17 20.83
C LEU A 125 28.90 36.18 19.80
N GLY A 126 28.03 35.57 19.01
CA GLY A 126 28.44 34.59 18.03
C GLY A 126 28.86 33.26 18.59
N GLU A 127 28.56 32.98 19.86
CA GLU A 127 29.02 31.78 20.55
C GLU A 127 27.93 30.72 20.46
N LEU A 128 28.19 29.66 19.71
CA LEU A 128 27.24 28.56 19.59
C LEU A 128 27.21 27.75 20.87
N LYS A 129 26.00 27.35 21.29
CA LYS A 129 25.82 26.58 22.52
C LYS A 129 25.09 25.27 22.31
N GLY A 130 24.32 25.10 21.25
CA GLY A 130 23.64 23.85 21.03
C GLY A 130 22.81 23.88 19.76
N ILE A 131 21.95 22.88 19.62
CA ILE A 131 21.05 22.78 18.49
C ILE A 131 19.65 22.47 18.99
N ILE A 132 18.65 23.05 18.34
CA ILE A 132 17.26 22.64 18.49
C ILE A 132 16.92 21.77 17.30
N GLY A 133 16.23 20.66 17.53
CA GLY A 133 15.96 19.74 16.45
C GLY A 133 14.73 18.90 16.70
N GLY A 134 14.43 18.06 15.72
CA GLY A 134 13.29 17.17 15.79
C GLY A 134 13.01 16.56 14.44
N TRP A 135 11.82 15.98 14.31
CA TRP A 135 11.43 15.38 13.04
C TRP A 135 9.91 15.33 12.96
N ILE A 136 9.43 15.11 11.73
CA ILE A 136 8.00 14.96 11.44
C ILE A 136 7.81 13.60 10.79
N ASP A 137 6.87 12.82 11.33
CA ASP A 137 6.57 11.51 10.76
C ASP A 137 5.69 11.73 9.53
N ILE A 138 6.29 11.61 8.35
CA ILE A 138 5.56 11.83 7.10
C ILE A 138 4.60 10.67 6.84
N THR A 139 5.04 9.44 7.11
CA THR A 139 4.19 8.28 6.90
C THR A 139 2.90 8.39 7.70
N GLU A 140 2.96 8.98 8.89
CA GLU A 140 1.75 9.16 9.69
C GLU A 140 0.72 10.01 8.96
N ARG A 141 1.18 11.04 8.25
CA ARG A 141 0.27 11.86 7.46
C ARG A 141 -0.28 11.10 6.27
N ALA A 142 0.59 10.36 5.56
CA ALA A 142 0.16 9.62 4.39
C ALA A 142 -0.86 8.54 4.77
N GLU A 143 -0.64 7.86 5.91
CA GLU A 143 -1.60 6.86 6.35
C GLU A 143 -2.99 7.46 6.51
N LEU A 144 -3.07 8.66 7.09
CA LEU A 144 -4.36 9.29 7.30
C LEU A 144 -5.05 9.56 5.96
N LEU A 145 -4.32 10.14 5.01
CA LEU A 145 -4.89 10.40 3.69
C LEU A 145 -5.28 9.12 2.99
N ARG A 146 -4.44 8.08 3.10
CA ARG A 146 -4.74 6.80 2.46
C ARG A 146 -6.00 6.18 3.06
N LYS A 147 -6.15 6.24 4.38
CA LYS A 147 -7.32 5.64 5.03
C LYS A 147 -8.59 6.39 4.68
N LEU A 148 -8.51 7.72 4.57
CA LEU A 148 -9.70 8.50 4.22
C LEU A 148 -10.08 8.29 2.77
N HIS A 149 -9.09 8.23 1.87
CA HIS A 149 -9.38 8.00 0.46
C HIS A 149 -9.99 6.62 0.25
N ASP A 150 -9.43 5.59 0.91
CA ASP A 150 -10.00 4.25 0.81
C ASP A 150 -11.41 4.20 1.37
N LEU A 151 -11.72 5.06 2.34
CA LEU A 151 -13.04 5.06 2.95
C LEU A 151 -14.08 5.63 1.99
N LYS A 152 -13.87 6.86 1.53
CA LYS A 152 -14.82 7.48 0.61
C LYS A 152 -14.95 6.65 -0.66
N GLU A 153 -13.84 6.08 -1.14
CA GLU A 153 -13.91 5.21 -2.31
C GLU A 153 -14.81 4.01 -2.06
N SER A 154 -14.68 3.40 -0.88
CA SER A 154 -15.52 2.26 -0.53
C SER A 154 -16.99 2.64 -0.45
N LEU A 155 -17.30 3.91 -0.20
CA LEU A 155 -18.69 4.33 -0.15
C LEU A 155 -19.26 4.61 -1.54
N ASP A 156 -18.42 4.98 -2.50
CA ASP A 156 -18.86 5.27 -3.86
C ASP A 156 -19.56 4.06 -4.47
N GLU B 16 -6.73 18.66 47.18
CA GLU B 16 -6.18 19.74 46.37
C GLU B 16 -5.29 19.19 45.25
N ARG B 17 -4.57 18.10 45.55
CA ARG B 17 -3.70 17.50 44.55
C ARG B 17 -4.51 17.01 43.35
N ALA B 18 -5.71 16.49 43.60
CA ALA B 18 -6.56 16.00 42.52
C ALA B 18 -7.04 17.13 41.61
N LEU B 19 -7.01 18.38 42.07
CA LEU B 19 -7.46 19.49 41.24
C LEU B 19 -6.37 19.95 40.29
N ASN B 20 -5.13 20.07 40.77
CA ASN B 20 -4.04 20.51 39.89
C ASN B 20 -3.80 19.48 38.78
N ASP B 21 -3.82 18.19 39.12
CA ASP B 21 -3.68 17.18 38.07
C ASP B 21 -4.79 17.29 37.04
N GLN B 22 -5.99 17.68 37.48
CA GLN B 22 -7.07 17.92 36.52
C GLN B 22 -6.79 19.15 35.67
N LEU B 23 -6.21 20.20 36.27
CA LEU B 23 -5.94 21.42 35.52
C LEU B 23 -4.77 21.27 34.57
N GLU B 24 -3.78 20.45 34.92
CA GLU B 24 -2.69 20.18 33.99
C GLU B 24 -3.19 19.38 32.80
N PHE B 25 -4.15 18.48 33.03
CA PHE B 25 -4.81 17.79 31.93
C PHE B 25 -5.61 18.78 31.08
N MET B 26 -6.29 19.74 31.71
CA MET B 26 -7.00 20.76 30.96
C MET B 26 -6.04 21.62 30.16
N ARG B 27 -4.89 21.96 30.74
CA ARG B 27 -3.88 22.73 30.03
C ARG B 27 -3.49 22.06 28.72
N VAL B 28 -3.19 20.75 28.78
CA VAL B 28 -2.78 20.04 27.57
C VAL B 28 -3.95 19.93 26.59
N LEU B 29 -5.15 19.66 27.11
CA LEU B 29 -6.32 19.53 26.24
C LEU B 29 -6.58 20.83 25.49
N ILE B 30 -6.60 21.96 26.21
CA ILE B 30 -6.97 23.23 25.60
C ILE B 30 -5.83 23.80 24.77
N ASP B 31 -4.63 23.85 25.35
CA ASP B 31 -3.49 24.49 24.71
C ASP B 31 -2.56 23.52 23.99
N GLY B 32 -2.80 22.22 24.08
CA GLY B 32 -1.84 21.25 23.59
C GLY B 32 -2.41 20.10 22.79
N THR B 33 -3.45 20.36 22.01
CA THR B 33 -4.02 19.36 21.11
C THR B 33 -4.07 19.97 19.72
N PRO B 34 -3.57 19.27 18.70
CA PRO B 34 -3.43 19.92 17.38
C PRO B 34 -4.71 20.02 16.58
N ASN B 35 -5.70 19.17 16.84
CA ASN B 35 -6.92 19.22 16.04
C ASN B 35 -8.06 19.85 16.83
N PRO B 36 -8.94 20.62 16.18
CA PRO B 36 -10.03 21.28 16.92
C PRO B 36 -10.91 20.28 17.65
N ILE B 37 -11.16 20.57 18.93
CA ILE B 37 -12.01 19.76 19.78
C ILE B 37 -12.94 20.70 20.54
N TYR B 38 -14.19 20.28 20.73
CA TYR B 38 -15.15 21.09 21.45
C TYR B 38 -16.12 20.17 22.18
N VAL B 39 -16.79 20.73 23.19
CA VAL B 39 -17.83 20.04 23.93
C VAL B 39 -19.05 20.94 23.96
N ARG B 40 -20.18 20.44 23.48
CA ARG B 40 -21.42 21.21 23.42
C ARG B 40 -22.51 20.43 24.14
N ASP B 41 -23.22 21.11 25.04
CA ASP B 41 -24.25 20.45 25.84
C ASP B 41 -25.50 20.23 25.00
N LYS B 42 -26.50 19.58 25.60
CA LYS B 42 -27.72 19.28 24.87
C LYS B 42 -28.46 20.55 24.45
N GLU B 43 -28.17 21.69 25.07
CA GLU B 43 -28.80 22.95 24.71
C GLU B 43 -28.01 23.73 23.66
N GLY B 44 -26.87 23.22 23.22
CA GLY B 44 -26.09 23.89 22.19
C GLY B 44 -25.04 24.85 22.70
N ARG B 45 -24.89 24.99 24.02
CA ARG B 45 -23.87 25.87 24.57
C ARG B 45 -22.50 25.20 24.54
N MET B 46 -21.49 25.97 24.19
CA MET B 46 -20.12 25.47 24.14
C MET B 46 -19.54 25.44 25.54
N LEU B 47 -19.19 24.24 26.01
CA LEU B 47 -18.59 24.08 27.34
C LEU B 47 -17.07 24.07 27.30
N LEU B 48 -16.48 23.70 26.17
CA LEU B 48 -15.04 23.56 26.08
C LEU B 48 -14.60 23.77 24.64
N CYS B 49 -13.48 24.47 24.47
CA CYS B 49 -12.87 24.70 23.17
C CYS B 49 -11.37 24.73 23.35
N ASN B 50 -10.65 23.94 22.57
CA ASN B 50 -9.20 24.01 22.58
C ASN B 50 -8.74 25.11 21.61
N ASP B 51 -7.47 25.48 21.72
CA ASP B 51 -6.95 26.59 20.93
C ASP B 51 -7.05 26.30 19.44
N ALA B 52 -6.89 25.04 19.03
CA ALA B 52 -7.01 24.71 17.61
C ALA B 52 -8.38 25.14 17.08
N TYR B 53 -9.44 24.88 17.85
CA TYR B 53 -10.76 25.37 17.51
C TYR B 53 -10.79 26.89 17.48
N LEU B 54 -10.38 27.52 18.59
CA LEU B 54 -10.48 28.97 18.72
C LEU B 54 -9.67 29.68 17.64
N ASP B 55 -8.42 29.27 17.44
CA ASP B 55 -7.55 29.97 16.50
C ASP B 55 -7.98 29.78 15.05
N THR B 56 -8.75 28.73 14.75
CA THR B 56 -9.30 28.62 13.41
C THR B 56 -10.09 29.86 13.02
N PHE B 57 -10.71 30.52 14.00
CA PHE B 57 -11.56 31.67 13.76
C PHE B 57 -10.96 32.98 14.29
N GLY B 58 -9.77 32.94 14.87
CA GLY B 58 -9.15 34.16 15.37
C GLY B 58 -9.92 34.81 16.49
N VAL B 59 -10.45 34.02 17.41
CA VAL B 59 -11.18 34.53 18.56
C VAL B 59 -10.60 33.91 19.83
N THR B 60 -11.05 34.43 20.97
CA THR B 60 -10.64 33.94 22.27
C THR B 60 -11.77 33.07 22.86
N ALA B 61 -11.46 32.45 24.00
CA ALA B 61 -12.43 31.57 24.63
C ALA B 61 -13.65 32.32 25.13
N ASP B 62 -13.48 33.59 25.53
CA ASP B 62 -14.59 34.36 26.06
C ASP B 62 -15.67 34.60 25.00
N ALA B 63 -15.29 34.59 23.73
CA ALA B 63 -16.24 34.79 22.64
C ALA B 63 -17.10 33.56 22.35
N VAL B 64 -16.76 32.40 22.93
CA VAL B 64 -17.38 31.14 22.58
C VAL B 64 -18.01 30.45 23.80
N LEU B 65 -17.26 30.38 24.90
CA LEU B 65 -17.70 29.59 26.05
C LEU B 65 -19.07 30.06 26.53
N GLY B 66 -19.97 29.10 26.72
CA GLY B 66 -21.32 29.37 27.17
C GLY B 66 -22.27 29.85 26.10
N LYS B 67 -21.78 30.09 24.89
CA LYS B 67 -22.59 30.62 23.79
C LYS B 67 -22.86 29.54 22.76
N THR B 68 -23.80 29.82 21.87
CA THR B 68 -24.36 28.81 20.99
C THR B 68 -24.12 29.12 19.52
N ILE B 69 -24.31 28.11 18.69
CA ILE B 69 -24.25 28.23 17.24
C ILE B 69 -25.61 27.82 16.68
N PRO B 70 -26.56 28.75 16.54
CA PRO B 70 -27.91 28.35 16.13
C PRO B 70 -27.94 27.78 14.73
N GLU B 71 -28.91 26.89 14.49
CA GLU B 71 -29.10 26.32 13.17
C GLU B 71 -29.79 27.29 12.23
N ALA B 72 -30.68 28.14 12.76
CA ALA B 72 -31.37 29.12 11.93
C ALA B 72 -30.49 30.35 11.72
N ASN B 73 -30.80 31.09 10.66
CA ASN B 73 -30.09 32.33 10.40
C ASN B 73 -30.46 33.37 11.44
N VAL B 74 -29.45 34.03 12.00
CA VAL B 74 -29.64 35.09 12.97
C VAL B 74 -29.70 36.42 12.24
N VAL B 75 -30.49 37.36 12.79
CA VAL B 75 -30.59 38.68 12.20
C VAL B 75 -29.20 39.29 12.10
N GLY B 76 -28.97 40.08 11.04
CA GLY B 76 -27.68 40.70 10.82
C GLY B 76 -26.63 39.77 10.24
N ASP B 77 -26.93 38.47 10.11
CA ASP B 77 -26.00 37.52 9.50
C ASP B 77 -24.66 37.57 10.22
N PRO B 78 -24.61 37.23 11.50
CA PRO B 78 -23.34 37.31 12.25
C PRO B 78 -22.32 36.33 11.69
N ALA B 79 -21.11 36.84 11.43
CA ALA B 79 -20.11 36.06 10.71
C ALA B 79 -19.61 34.88 11.53
N LEU B 80 -19.25 35.13 12.80
CA LEU B 80 -18.61 34.08 13.59
C LEU B 80 -19.52 32.86 13.72
N ALA B 81 -20.79 33.09 14.06
CA ALA B 81 -21.72 31.97 14.15
C ALA B 81 -21.85 31.25 12.82
N ARG B 82 -21.87 32.01 11.72
CA ARG B 82 -21.94 31.41 10.40
C ARG B 82 -20.70 30.58 10.10
N GLU B 83 -19.52 31.14 10.40
CA GLU B 83 -18.27 30.42 10.11
C GLU B 83 -18.20 29.12 10.90
N MET B 84 -18.50 29.18 12.19
CA MET B 84 -18.44 27.99 13.03
C MET B 84 -19.46 26.95 12.58
N HIS B 85 -20.66 27.39 12.20
CA HIS B 85 -21.69 26.44 11.79
C HIS B 85 -21.20 25.55 10.64
N GLU B 86 -20.35 26.10 9.75
CA GLU B 86 -19.82 25.30 8.65
C GLU B 86 -19.02 24.12 9.17
N PHE B 87 -18.10 24.37 10.11
CA PHE B 87 -17.22 23.32 10.61
C PHE B 87 -17.95 22.35 11.54
N LEU B 88 -19.06 22.75 12.14
CA LEU B 88 -19.80 21.89 13.04
C LEU B 88 -20.79 21.02 12.29
N LEU B 89 -21.39 20.08 13.02
CA LEU B 89 -22.42 19.19 12.47
C LEU B 89 -23.76 19.57 13.06
N THR B 90 -24.79 19.56 12.21
CA THR B 90 -26.13 19.96 12.60
C THR B 90 -26.58 19.21 13.85
N ARG B 91 -27.14 19.96 14.81
CA ARG B 91 -27.59 19.38 16.07
C ARG B 91 -28.87 18.56 15.87
N VAL B 92 -28.71 17.30 15.49
CA VAL B 92 -29.83 16.40 15.29
C VAL B 92 -30.31 15.86 16.63
N ALA B 94 -32.08 13.58 19.44
CA ALA B 94 -32.22 12.16 19.76
C ALA B 94 -31.06 11.35 19.15
N GLU B 95 -29.95 12.02 18.89
CA GLU B 95 -28.77 11.34 18.37
C GLU B 95 -28.10 10.55 19.49
N ARG B 96 -27.71 9.31 19.17
CA ARG B 96 -27.11 8.43 20.17
C ARG B 96 -25.87 7.69 19.69
N GLU B 97 -25.50 7.82 18.42
CA GLU B 97 -24.32 7.14 17.89
C GLU B 97 -23.30 8.17 17.41
N PRO B 98 -22.04 7.78 17.29
CA PRO B 98 -21.05 8.69 16.69
C PRO B 98 -21.42 9.02 15.26
N ARG B 99 -21.12 10.25 14.86
CA ARG B 99 -21.34 10.73 13.50
C ARG B 99 -20.00 11.14 12.90
N PHE B 100 -19.84 10.87 11.61
CA PHE B 100 -18.63 11.26 10.88
C PHE B 100 -19.05 11.81 9.53
N GLU B 101 -18.47 12.94 9.14
CA GLU B 101 -18.84 13.59 7.90
C GLU B 101 -17.61 14.24 7.28
N ASP B 102 -17.74 14.61 6.01
CA ASP B 102 -16.61 14.99 5.19
C ASP B 102 -17.09 16.06 4.21
N ARG B 103 -16.61 17.29 4.39
CA ARG B 103 -16.97 18.39 3.51
C ARG B 103 -15.78 19.32 3.34
N ASP B 104 -15.88 20.20 2.34
CA ASP B 104 -14.98 21.32 2.18
C ASP B 104 -15.61 22.56 2.79
N VAL B 105 -14.76 23.44 3.32
CA VAL B 105 -15.20 24.70 3.91
C VAL B 105 -14.23 25.77 3.50
N THR B 106 -14.74 26.90 3.03
CA THR B 106 -13.92 28.04 2.63
C THR B 106 -14.01 29.11 3.72
N LEU B 107 -12.89 29.35 4.40
CA LEU B 107 -12.78 30.39 5.41
C LEU B 107 -11.63 31.30 5.01
N HIS B 108 -11.91 32.60 4.92
CA HIS B 108 -10.94 33.55 4.35
C HIS B 108 -10.66 33.09 2.92
N GLY B 109 -9.42 33.11 2.46
CA GLY B 109 -9.13 32.69 1.10
C GLY B 109 -8.84 31.21 0.93
N ARG B 110 -8.87 30.43 1.99
CA ARG B 110 -8.42 29.05 1.97
C ARG B 110 -9.60 28.09 2.08
N THR B 111 -9.68 27.14 1.15
CA THR B 111 -10.60 26.03 1.24
C THR B 111 -9.92 24.87 1.93
N ARG B 112 -10.54 24.34 2.99
CA ARG B 112 -9.99 23.25 3.77
C ARG B 112 -10.91 22.04 3.66
N HIS B 113 -10.33 20.90 3.36
CA HIS B 113 -11.02 19.61 3.43
C HIS B 113 -10.94 19.12 4.87
N VAL B 114 -12.08 19.05 5.54
CA VAL B 114 -12.13 18.75 6.97
C VAL B 114 -12.92 17.46 7.19
N TYR B 115 -12.45 16.66 8.14
CA TYR B 115 -13.07 15.40 8.52
C TYR B 115 -13.74 15.61 9.88
N GLN B 116 -15.07 15.64 9.88
CA GLN B 116 -15.84 16.05 11.06
C GLN B 116 -16.37 14.83 11.80
N TRP B 117 -16.43 14.95 13.13
CA TRP B 117 -16.89 13.86 13.97
C TRP B 117 -17.60 14.42 15.20
N THR B 118 -18.53 13.62 15.74
CA THR B 118 -19.18 13.92 17.01
C THR B 118 -19.45 12.61 17.75
N ILE B 119 -19.37 12.68 19.08
CA ILE B 119 -19.61 11.53 19.95
C ILE B 119 -20.53 11.97 21.09
N PRO B 120 -21.76 11.45 21.19
CA PRO B 120 -22.67 11.91 22.24
C PRO B 120 -22.30 11.40 23.62
N TYR B 121 -22.84 12.08 24.63
CA TYR B 121 -22.76 11.61 26.02
C TYR B 121 -23.94 12.16 26.82
N LYS B 129 -26.91 14.16 27.09
CA LYS B 129 -26.41 15.20 28.00
C LYS B 129 -25.50 16.17 27.24
N GLY B 130 -24.91 15.70 26.15
CA GLY B 130 -24.08 16.57 25.34
C GLY B 130 -23.40 15.77 24.24
N ILE B 131 -22.52 16.46 23.51
CA ILE B 131 -21.72 15.82 22.46
C ILE B 131 -20.29 16.33 22.54
N ILE B 132 -19.34 15.45 22.25
CA ILE B 132 -17.95 15.80 22.03
C ILE B 132 -17.71 15.78 20.53
N GLY B 133 -16.99 16.78 20.02
CA GLY B 133 -16.80 16.86 18.59
C GLY B 133 -15.54 17.58 18.21
N GLY B 134 -15.33 17.70 16.91
CA GLY B 134 -14.16 18.38 16.39
C GLY B 134 -14.02 18.07 14.91
N TRP B 135 -12.83 18.34 14.38
CA TRP B 135 -12.56 17.98 13.00
C TRP B 135 -11.06 17.95 12.79
N ILE B 136 -10.66 17.32 11.70
CA ILE B 136 -9.26 17.23 11.27
C ILE B 136 -9.16 17.92 9.92
N ASP B 137 -8.21 18.83 9.81
CA ASP B 137 -7.95 19.53 8.54
C ASP B 137 -7.12 18.61 7.65
N ILE B 138 -7.80 17.94 6.72
CA ILE B 138 -7.11 17.00 5.85
C ILE B 138 -6.19 17.75 4.88
N THR B 139 -6.60 18.93 4.44
CA THR B 139 -5.80 19.69 3.48
C THR B 139 -4.42 20.01 4.04
N GLU B 140 -4.32 20.21 5.36
CA GLU B 140 -3.00 20.44 5.96
C GLU B 140 -2.07 19.26 5.71
N ARG B 141 -2.58 18.04 5.91
CA ARG B 141 -1.75 16.86 5.68
C ARG B 141 -1.37 16.72 4.21
N ALA B 142 -2.31 16.98 3.30
CA ALA B 142 -2.01 16.87 1.89
C ALA B 142 -0.98 17.90 1.44
N GLU B 143 -1.05 19.12 1.99
CA GLU B 143 -0.11 20.16 1.59
C GLU B 143 1.30 19.89 2.10
N LEU B 144 1.43 19.16 3.21
CA LEU B 144 2.75 18.80 3.70
C LEU B 144 3.41 17.80 2.76
N LEU B 145 2.66 16.80 2.30
CA LEU B 145 3.20 15.83 1.35
C LEU B 145 3.43 16.47 -0.01
N ARG B 146 2.52 17.36 -0.43
CA ARG B 146 2.73 18.10 -1.68
C ARG B 146 4.01 18.93 -1.62
N LYS B 147 4.15 19.73 -0.55
CA LYS B 147 5.33 20.58 -0.43
C LYS B 147 6.61 19.76 -0.32
N LEU B 148 6.53 18.56 0.27
CA LEU B 148 7.73 17.75 0.43
C LEU B 148 8.13 17.10 -0.88
N HIS B 149 7.16 16.57 -1.63
CA HIS B 149 7.48 15.92 -2.91
C HIS B 149 7.92 16.96 -3.94
N ASP B 150 7.29 18.13 -3.95
CA ASP B 150 7.76 19.20 -4.84
C ASP B 150 9.19 19.60 -4.51
N LEU B 151 9.51 19.71 -3.22
CA LEU B 151 10.87 20.04 -2.82
C LEU B 151 11.87 19.01 -3.34
N LYS B 152 11.52 17.72 -3.24
CA LYS B 152 12.44 16.68 -3.70
C LYS B 152 12.51 16.64 -5.23
N GLU B 153 11.41 16.97 -5.92
CA GLU B 153 11.43 16.98 -7.38
C GLU B 153 12.24 18.13 -7.94
N SER B 154 12.42 19.20 -7.17
CA SER B 154 13.28 20.29 -7.62
C SER B 154 14.76 19.93 -7.47
N LEU B 155 15.11 19.21 -6.41
CA LEU B 155 16.49 18.80 -6.21
C LEU B 155 16.95 17.87 -7.32
N ASP B 156 16.03 17.17 -7.98
CA ASP B 156 16.38 16.27 -9.08
C ASP B 156 17.09 17.04 -10.19
N ASP C 21 -18.97 -0.55 9.12
CA ASP C 21 -17.93 0.36 8.66
C ASP C 21 -17.65 1.44 9.70
N GLN C 22 -18.31 1.37 10.85
CA GLN C 22 -18.11 2.38 11.88
C GLN C 22 -16.66 2.42 12.35
N LEU C 23 -15.98 1.27 12.37
CA LEU C 23 -14.60 1.24 12.82
C LEU C 23 -13.66 1.92 11.83
N GLU C 24 -14.00 1.88 10.53
CA GLU C 24 -13.17 2.56 9.55
C GLU C 24 -13.25 4.07 9.72
N PHE C 25 -14.42 4.59 10.07
CA PHE C 25 -14.53 6.02 10.38
C PHE C 25 -13.73 6.37 11.63
N MET C 26 -13.77 5.50 12.65
CA MET C 26 -13.04 5.78 13.88
C MET C 26 -11.54 5.60 13.71
N ARG C 27 -11.11 4.75 12.78
CA ARG C 27 -9.68 4.61 12.53
C ARG C 27 -9.09 5.91 12.02
N VAL C 28 -9.78 6.59 11.10
CA VAL C 28 -9.31 7.88 10.61
C VAL C 28 -9.17 8.85 11.76
N LEU C 29 -10.16 8.89 12.65
CA LEU C 29 -10.14 9.84 13.76
C LEU C 29 -8.91 9.65 14.63
N ILE C 30 -8.66 8.43 15.09
CA ILE C 30 -7.56 8.22 16.04
C ILE C 30 -6.21 8.32 15.34
N ASP C 31 -6.15 8.01 14.05
CA ASP C 31 -4.88 8.08 13.33
C ASP C 31 -4.48 9.51 12.96
N GLY C 32 -5.43 10.43 12.95
CA GLY C 32 -5.10 11.83 12.81
C GLY C 32 -4.72 12.50 14.10
N THR C 33 -4.78 11.75 15.21
CA THR C 33 -4.49 12.25 16.53
C THR C 33 -3.15 11.72 17.01
N PRO C 34 -2.27 12.57 17.54
CA PRO C 34 -0.97 12.08 18.03
C PRO C 34 -0.98 11.55 19.46
N ASN C 35 -2.05 11.79 20.23
CA ASN C 35 -2.13 11.21 21.56
C ASN C 35 -2.51 9.74 21.48
N PRO C 36 -2.05 8.91 22.43
CA PRO C 36 -2.39 7.47 22.37
C PRO C 36 -3.89 7.27 22.58
N ILE C 37 -4.51 6.56 21.64
CA ILE C 37 -5.94 6.27 21.69
C ILE C 37 -6.17 4.83 21.29
N TYR C 38 -7.17 4.20 21.91
CA TYR C 38 -7.56 2.84 21.61
C TYR C 38 -9.08 2.77 21.54
N VAL C 39 -9.57 1.77 20.80
CA VAL C 39 -10.99 1.47 20.72
C VAL C 39 -11.18 0.01 21.10
N ARG C 40 -12.08 -0.24 22.05
CA ARG C 40 -12.35 -1.59 22.53
C ARG C 40 -13.85 -1.83 22.54
N ASP C 41 -14.22 -3.11 22.47
CA ASP C 41 -15.62 -3.50 22.53
C ASP C 41 -16.03 -3.76 23.98
N LYS C 42 -17.28 -4.20 24.17
CA LYS C 42 -17.77 -4.48 25.52
C LYS C 42 -16.88 -5.48 26.23
N GLU C 43 -16.44 -6.53 25.53
CA GLU C 43 -15.69 -7.62 26.14
C GLU C 43 -14.22 -7.28 26.37
N GLY C 44 -13.82 -6.02 26.19
CA GLY C 44 -12.43 -5.66 26.35
C GLY C 44 -11.54 -6.13 25.23
N ARG C 45 -12.07 -6.25 24.02
CA ARG C 45 -11.30 -6.67 22.86
C ARG C 45 -10.79 -5.44 22.12
N MET C 46 -9.49 -5.41 21.84
CA MET C 46 -8.89 -4.29 21.14
C MET C 46 -9.28 -4.30 19.67
N LEU C 47 -10.01 -3.28 19.24
CA LEU C 47 -10.43 -3.13 17.86
C LEU C 47 -9.52 -2.20 17.07
N LEU C 48 -9.06 -1.11 17.70
CA LEU C 48 -8.22 -0.14 17.03
C LEU C 48 -7.22 0.41 18.03
N CYS C 49 -6.16 1.01 17.48
CA CYS C 49 -5.19 1.76 18.26
C CYS C 49 -4.32 2.53 17.29
N ASN C 50 -3.94 3.73 17.66
CA ASN C 50 -3.10 4.55 16.79
C ASN C 50 -1.64 4.24 17.04
N ASP C 51 -0.77 4.86 16.26
CA ASP C 51 0.65 4.56 16.33
C ASP C 51 1.27 5.02 17.63
N ALA C 52 0.77 6.11 18.22
CA ALA C 52 1.29 6.53 19.52
C ALA C 52 1.06 5.47 20.58
N TYR C 53 -0.06 4.74 20.50
CA TYR C 53 -0.29 3.62 21.41
C TYR C 53 0.72 2.51 21.18
N LEU C 54 0.99 2.19 19.91
CA LEU C 54 1.94 1.12 19.60
C LEU C 54 3.35 1.46 20.05
N ASP C 55 3.78 2.70 19.80
CA ASP C 55 5.17 3.05 20.11
C ASP C 55 5.40 3.20 21.61
N THR C 56 4.36 3.56 22.36
CA THR C 56 4.49 3.60 23.82
C THR C 56 4.93 2.24 24.37
N PHE C 57 4.32 1.17 23.88
CA PHE C 57 4.65 -0.18 24.35
C PHE C 57 5.68 -0.88 23.47
N GLY C 58 5.99 -0.33 22.30
CA GLY C 58 7.03 -0.89 21.46
C GLY C 58 6.65 -2.14 20.71
N VAL C 59 5.37 -2.30 20.38
CA VAL C 59 4.87 -3.52 19.74
C VAL C 59 4.19 -3.17 18.43
N THR C 60 4.01 -4.19 17.60
CA THR C 60 3.28 -4.07 16.36
C THR C 60 1.79 -4.32 16.60
N ALA C 61 0.97 -3.91 15.63
CA ALA C 61 -0.47 -3.97 15.80
C ALA C 61 -0.95 -5.41 16.02
N ASP C 62 -0.35 -6.38 15.32
CA ASP C 62 -0.80 -7.75 15.44
C ASP C 62 -0.69 -8.29 16.86
N ALA C 63 0.08 -7.62 17.73
CA ALA C 63 0.25 -8.08 19.10
C ALA C 63 -0.87 -7.63 20.03
N VAL C 64 -1.79 -6.79 19.57
CA VAL C 64 -2.82 -6.23 20.45
C VAL C 64 -4.19 -6.32 19.79
N LEU C 65 -4.25 -6.05 18.49
CA LEU C 65 -5.54 -6.03 17.80
C LEU C 65 -6.21 -7.40 17.85
N GLY C 66 -7.49 -7.41 18.24
CA GLY C 66 -8.24 -8.64 18.35
C GLY C 66 -8.05 -9.40 19.63
N LYS C 67 -7.26 -8.89 20.57
CA LYS C 67 -6.97 -9.58 21.82
C LYS C 67 -7.48 -8.76 23.00
N THR C 68 -7.47 -9.38 24.18
CA THR C 68 -8.04 -8.81 25.40
C THR C 68 -7.06 -8.91 26.56
N ILE C 69 -5.76 -8.89 26.28
CA ILE C 69 -4.76 -9.11 27.33
C ILE C 69 -4.96 -10.49 27.94
N PRO C 78 6.44 -9.81 27.67
CA PRO C 78 6.25 -10.57 28.91
C PRO C 78 5.49 -9.74 29.96
N ALA C 79 6.10 -8.62 30.37
CA ALA C 79 5.43 -7.68 31.25
C ALA C 79 4.53 -6.72 30.48
N LEU C 80 4.38 -6.91 29.17
CA LEU C 80 3.58 -5.99 28.38
C LEU C 80 2.09 -6.15 28.65
N ALA C 81 1.66 -7.35 29.06
CA ALA C 81 0.26 -7.54 29.41
C ALA C 81 -0.13 -6.71 30.62
N ARG C 82 0.74 -6.66 31.63
CA ARG C 82 0.44 -5.87 32.82
C ARG C 82 0.70 -4.39 32.58
N GLU C 83 1.71 -4.04 31.79
CA GLU C 83 1.94 -2.65 31.44
C GLU C 83 0.69 -2.04 30.82
N MET C 84 0.16 -2.68 29.78
CA MET C 84 -1.02 -2.14 29.10
C MET C 84 -2.22 -2.08 30.04
N HIS C 85 -2.43 -3.12 30.84
CA HIS C 85 -3.53 -3.11 31.78
C HIS C 85 -3.54 -1.85 32.64
N GLU C 86 -2.36 -1.34 32.97
CA GLU C 86 -2.28 -0.15 33.81
C GLU C 86 -2.64 1.11 33.03
N PHE C 87 -2.28 1.16 31.75
CA PHE C 87 -2.61 2.31 30.92
C PHE C 87 -4.08 2.35 30.52
N LEU C 88 -4.77 1.20 30.57
CA LEU C 88 -6.18 1.14 30.21
C LEU C 88 -7.03 1.30 31.46
N LEU C 89 -8.05 2.15 31.37
CA LEU C 89 -8.90 2.46 32.51
C LEU C 89 -9.91 1.35 32.75
N ARG C 96 -20.52 3.32 30.14
CA ARG C 96 -21.77 3.91 30.61
C ARG C 96 -21.73 5.44 30.45
N GLU C 97 -20.80 6.09 31.13
CA GLU C 97 -20.54 7.51 30.99
C GLU C 97 -19.04 7.73 30.89
N PRO C 98 -18.62 8.90 30.40
CA PRO C 98 -17.19 9.17 30.30
C PRO C 98 -16.50 9.04 31.65
N ARG C 99 -15.31 8.44 31.64
CA ARG C 99 -14.54 8.20 32.85
C ARG C 99 -13.16 8.83 32.71
N PHE C 100 -12.63 9.29 33.85
CA PHE C 100 -11.30 9.88 33.92
C PHE C 100 -10.63 9.38 35.19
N GLU C 101 -9.34 9.08 35.10
CA GLU C 101 -8.57 8.60 36.25
C GLU C 101 -7.17 9.17 36.19
N ASP C 102 -6.78 9.85 37.27
CA ASP C 102 -5.40 10.28 37.46
C ASP C 102 -4.61 9.10 38.03
N ARG C 103 -3.62 8.64 37.28
CA ARG C 103 -2.98 7.36 37.59
C ARG C 103 -1.48 7.43 37.32
N ASP C 104 -0.72 6.78 38.19
CA ASP C 104 0.69 6.51 37.94
C ASP C 104 0.83 5.11 37.36
N VAL C 105 1.72 4.97 36.37
CA VAL C 105 1.91 3.72 35.66
C VAL C 105 3.40 3.44 35.55
N THR C 106 3.73 2.17 35.39
CA THR C 106 5.10 1.72 35.17
C THR C 106 5.22 1.22 33.74
N LEU C 107 6.23 1.71 33.02
CA LEU C 107 6.45 1.34 31.63
C LEU C 107 7.94 1.09 31.43
N HIS C 108 8.28 -0.14 31.06
CA HIS C 108 9.66 -0.50 30.75
C HIS C 108 10.62 -0.14 31.88
N GLY C 109 10.19 -0.40 33.12
CA GLY C 109 11.08 -0.26 34.26
C GLY C 109 10.87 0.99 35.08
N ARG C 110 10.67 2.14 34.44
CA ARG C 110 10.54 3.42 35.11
C ARG C 110 9.09 3.89 35.10
N THR C 111 8.75 4.74 36.07
CA THR C 111 7.39 5.17 36.30
C THR C 111 7.13 6.53 35.63
N ARG C 112 5.84 6.83 35.46
CA ARG C 112 5.43 8.06 34.79
C ARG C 112 3.99 8.35 35.17
N HIS C 113 3.61 9.63 35.03
CA HIS C 113 2.31 10.13 35.44
C HIS C 113 1.47 10.41 34.22
N VAL C 114 0.27 9.84 34.18
CA VAL C 114 -0.65 9.99 33.06
C VAL C 114 -2.05 10.26 33.58
N TYR C 115 -2.88 10.85 32.73
CA TYR C 115 -4.30 11.06 33.00
C TYR C 115 -5.08 10.25 31.97
N GLN C 116 -5.76 9.21 32.44
CA GLN C 116 -6.50 8.31 31.57
C GLN C 116 -7.90 8.85 31.30
N TRP C 117 -8.45 8.45 30.15
CA TRP C 117 -9.81 8.84 29.81
C TRP C 117 -10.44 7.77 28.93
N THR C 118 -11.76 7.61 29.07
CA THR C 118 -12.52 6.67 28.27
C THR C 118 -13.86 7.30 27.91
N ILE C 119 -14.35 6.98 26.71
CA ILE C 119 -15.59 7.51 26.19
C ILE C 119 -16.42 6.33 25.67
N PRO C 120 -17.60 6.06 26.23
CA PRO C 120 -18.43 4.99 25.68
C PRO C 120 -19.21 5.46 24.46
N TYR C 121 -19.37 4.55 23.51
CA TYR C 121 -20.14 4.81 22.30
C TYR C 121 -21.01 3.60 22.01
N GLY C 122 -22.11 3.83 21.29
CA GLY C 122 -23.05 2.77 20.99
C GLY C 122 -23.92 3.04 19.78
N ASP C 123 -25.19 2.66 19.88
CA ASP C 123 -26.16 2.91 18.81
C ASP C 123 -27.58 2.89 19.37
N GLY C 126 -29.60 2.85 22.27
CA GLY C 126 -28.55 3.10 23.25
C GLY C 126 -27.73 1.87 23.57
N GLU C 127 -27.46 1.06 22.55
CA GLU C 127 -26.74 -0.19 22.72
C GLU C 127 -25.23 0.07 22.77
N LEU C 128 -24.60 -0.28 23.88
CA LEU C 128 -23.16 -0.12 24.02
C LEU C 128 -22.44 -1.05 23.04
N LYS C 129 -21.64 -0.47 22.15
CA LYS C 129 -20.84 -1.25 21.21
C LYS C 129 -19.35 -1.27 21.54
N GLY C 130 -18.83 -0.21 22.15
CA GLY C 130 -17.42 -0.22 22.48
C GLY C 130 -17.04 0.95 23.36
N ILE C 131 -15.73 1.17 23.46
CA ILE C 131 -15.17 2.20 24.33
C ILE C 131 -13.95 2.82 23.63
N ILE C 132 -13.98 4.13 23.48
CA ILE C 132 -12.84 4.90 22.98
C ILE C 132 -12.08 5.43 24.19
N GLY C 133 -10.79 5.13 24.28
CA GLY C 133 -10.00 5.53 25.43
C GLY C 133 -8.59 5.92 25.04
N GLY C 134 -7.87 6.41 26.03
CA GLY C 134 -6.49 6.81 25.83
C GLY C 134 -5.96 7.42 27.10
N TRP C 135 -4.85 8.16 26.97
CA TRP C 135 -4.27 8.82 28.12
C TRP C 135 -3.47 10.03 27.66
N ILE C 136 -3.16 10.90 28.62
CA ILE C 136 -2.42 12.13 28.37
C ILE C 136 -1.25 12.17 29.34
N ASP C 137 -0.03 12.26 28.80
CA ASP C 137 1.16 12.35 29.62
C ASP C 137 1.16 13.66 30.41
N ILE C 138 1.51 13.56 31.70
CA ILE C 138 1.57 14.70 32.61
C ILE C 138 2.97 14.70 33.21
N THR C 139 3.85 15.57 32.71
CA THR C 139 5.20 15.65 33.24
C THR C 139 5.21 16.34 34.60
N GLU C 140 6.03 15.83 35.50
CA GLU C 140 6.10 16.40 36.84
C GLU C 140 6.68 17.81 36.79
N ARG C 141 6.17 18.67 37.67
CA ARG C 141 6.64 20.06 37.73
C ARG C 141 8.16 20.12 37.83
N ALA C 142 8.76 19.18 38.57
CA ALA C 142 10.22 19.19 38.73
C ALA C 142 10.93 18.98 37.40
N GLU C 143 10.44 18.03 36.58
CA GLU C 143 11.06 17.82 35.28
C GLU C 143 10.94 19.06 34.41
N LEU C 144 9.77 19.69 34.39
CA LEU C 144 9.59 20.92 33.61
C LEU C 144 10.57 22.00 34.05
N LEU C 145 10.76 22.16 35.37
CA LEU C 145 11.70 23.16 35.86
C LEU C 145 13.12 22.83 35.47
N ARG C 146 13.50 21.55 35.55
CA ARG C 146 14.84 21.14 35.17
C ARG C 146 15.13 21.45 33.71
N LYS C 147 14.22 21.04 32.81
CA LYS C 147 14.45 21.28 31.38
C LYS C 147 14.51 22.78 31.09
N LEU C 148 13.64 23.56 31.73
CA LEU C 148 13.66 25.01 31.53
C LEU C 148 14.96 25.62 32.04
N HIS C 149 15.41 25.19 33.23
CA HIS C 149 16.67 25.70 33.76
C HIS C 149 17.83 25.36 32.83
N ASP C 150 17.88 24.12 32.35
CA ASP C 150 18.97 23.71 31.47
C ASP C 150 18.99 24.53 30.19
N LEU C 151 17.81 24.84 29.64
CA LEU C 151 17.75 25.68 28.46
C LEU C 151 18.41 27.04 28.72
N LYS C 152 17.94 27.75 29.73
CA LYS C 152 18.50 29.06 30.03
C LYS C 152 20.00 28.99 30.27
N GLU C 153 20.45 27.94 30.97
CA GLU C 153 21.85 27.88 31.39
C GLU C 153 22.79 27.90 30.19
N SER C 154 22.42 27.22 29.10
CA SER C 154 23.28 27.19 27.92
C SER C 154 23.41 28.58 27.32
N LEU C 155 22.29 29.26 27.12
CA LEU C 155 22.31 30.63 26.61
C LEU C 155 23.13 31.54 27.53
N ASP D 21 16.20 28.79 -1.96
CA ASP D 21 16.08 27.35 -1.93
C ASP D 21 15.93 26.85 -0.50
N GLN D 22 16.66 27.48 0.42
CA GLN D 22 16.53 27.13 1.83
C GLN D 22 15.11 27.34 2.32
N LEU D 23 14.40 28.33 1.79
CA LEU D 23 13.04 28.60 2.23
C LEU D 23 12.12 27.42 1.93
N GLU D 24 12.39 26.68 0.86
CA GLU D 24 11.56 25.52 0.55
C GLU D 24 11.68 24.45 1.64
N PHE D 25 12.90 24.25 2.16
CA PHE D 25 13.08 23.31 3.26
C PHE D 25 12.34 23.77 4.50
N MET D 26 12.45 25.05 4.85
CA MET D 26 11.74 25.57 6.01
C MET D 26 10.23 25.55 5.80
N ARG D 27 9.78 25.71 4.55
CA ARG D 27 8.35 25.66 4.28
C ARG D 27 7.74 24.34 4.76
N VAL D 28 8.43 23.22 4.50
CA VAL D 28 7.92 21.91 4.93
C VAL D 28 7.84 21.86 6.45
N LEU D 29 8.90 22.25 7.14
CA LEU D 29 8.89 22.24 8.59
C LEU D 29 7.79 23.12 9.15
N ILE D 30 7.62 24.31 8.56
CA ILE D 30 6.61 25.25 9.05
C ILE D 30 5.21 24.65 8.92
N ASP D 31 4.88 24.11 7.75
CA ASP D 31 3.54 23.63 7.49
C ASP D 31 3.26 22.26 8.11
N GLY D 32 4.29 21.55 8.58
CA GLY D 32 4.05 20.32 9.30
C GLY D 32 3.71 20.51 10.76
N THR D 33 3.78 21.74 11.25
CA THR D 33 3.60 22.07 12.66
C THR D 33 2.30 22.85 12.85
N PRO D 34 1.40 22.41 13.74
CA PRO D 34 0.13 23.12 13.89
C PRO D 34 0.21 24.41 14.69
N ASN D 35 1.29 24.63 15.44
CA ASN D 35 1.43 25.86 16.19
C ASN D 35 1.78 27.01 15.23
N PRO D 36 1.37 28.24 15.56
CA PRO D 36 1.66 29.37 14.66
C PRO D 36 3.15 29.64 14.59
N ILE D 37 3.68 29.69 13.36
CA ILE D 37 5.09 29.96 13.13
C ILE D 37 5.23 30.84 11.90
N TYR D 38 6.24 31.71 11.93
CA TYR D 38 6.54 32.60 10.82
C TYR D 38 8.05 32.64 10.62
N VAL D 39 8.46 33.19 9.48
CA VAL D 39 9.87 33.36 9.15
C VAL D 39 10.04 34.72 8.50
N ARG D 40 10.88 35.57 9.10
CA ARG D 40 11.18 36.88 8.57
C ARG D 40 12.66 36.97 8.19
N ASP D 41 12.97 37.87 7.27
CA ASP D 41 14.35 38.09 6.86
C ASP D 41 14.98 39.16 7.75
N LYS D 42 16.19 39.59 7.39
CA LYS D 42 16.86 40.63 8.15
C LYS D 42 16.02 41.90 8.21
N GLU D 43 15.36 42.25 7.10
CA GLU D 43 14.63 43.50 6.98
C GLU D 43 13.23 43.44 7.58
N GLY D 44 12.85 42.33 8.21
CA GLY D 44 11.54 42.21 8.80
C GLY D 44 10.45 41.78 7.85
N ARG D 45 10.74 41.65 6.56
CA ARG D 45 9.73 41.17 5.61
C ARG D 45 9.37 39.72 5.91
N MET D 46 8.12 39.37 5.62
CA MET D 46 7.58 38.05 5.89
C MET D 46 7.87 37.13 4.71
N LEU D 47 8.69 36.10 4.94
CA LEU D 47 9.01 35.12 3.91
C LEU D 47 8.03 33.96 3.91
N LEU D 48 7.72 33.42 5.09
CA LEU D 48 6.87 32.24 5.21
C LEU D 48 6.02 32.36 6.47
N CYS D 49 4.93 31.60 6.49
CA CYS D 49 4.10 31.44 7.67
C CYS D 49 3.09 30.34 7.39
N ASN D 50 2.78 29.54 8.41
CA ASN D 50 1.85 28.44 8.24
C ASN D 50 0.41 28.96 8.34
N ASP D 51 -0.54 28.03 8.17
CA ASP D 51 -1.95 28.41 8.14
C ASP D 51 -2.48 28.80 9.51
N ALA D 52 -1.86 28.30 10.59
CA ALA D 52 -2.28 28.74 11.93
C ALA D 52 -2.02 30.23 12.12
N TYR D 53 -0.90 30.73 11.57
CA TYR D 53 -0.62 32.16 11.62
C TYR D 53 -1.68 32.94 10.86
N LEU D 54 -2.07 32.45 9.68
CA LEU D 54 -3.04 33.18 8.85
C LEU D 54 -4.42 33.20 9.51
N ASP D 55 -4.80 32.12 10.19
CA ASP D 55 -6.14 32.03 10.74
C ASP D 55 -6.29 32.82 12.04
N THR D 56 -5.22 32.96 12.83
CA THR D 56 -5.33 33.70 14.08
C THR D 56 -5.78 35.14 13.84
N PHE D 57 -5.28 35.75 12.76
CA PHE D 57 -5.71 37.09 12.38
C PHE D 57 -6.82 37.10 11.34
N GLY D 58 -7.03 35.99 10.64
CA GLY D 58 -8.09 35.90 9.66
C GLY D 58 -7.75 36.61 8.35
N VAL D 59 -6.59 36.27 7.78
CA VAL D 59 -6.11 36.93 6.57
C VAL D 59 -5.66 35.88 5.57
N THR D 60 -5.48 36.32 4.33
CA THR D 60 -4.97 35.48 3.27
C THR D 60 -3.44 35.56 3.23
N ALA D 61 -2.83 34.59 2.53
CA ALA D 61 -1.38 34.58 2.41
C ALA D 61 -0.87 35.76 1.60
N ASP D 62 -1.64 36.21 0.60
CA ASP D 62 -1.22 37.32 -0.23
C ASP D 62 -1.14 38.63 0.55
N ALA D 63 -1.72 38.70 1.74
CA ALA D 63 -1.81 39.93 2.49
C ALA D 63 -0.65 40.15 3.46
N VAL D 64 0.28 39.21 3.58
CA VAL D 64 1.38 39.33 4.53
C VAL D 64 2.71 38.95 3.88
N LEU D 65 2.70 37.91 3.05
CA LEU D 65 3.94 37.45 2.44
C LEU D 65 4.57 38.55 1.60
N GLY D 66 5.85 38.83 1.85
CA GLY D 66 6.54 39.91 1.18
C GLY D 66 6.20 41.29 1.69
N LYS D 67 5.72 41.39 2.93
CA LYS D 67 5.32 42.66 3.51
C LYS D 67 5.73 42.70 4.98
N THR D 68 5.69 43.90 5.55
CA THR D 68 6.06 44.11 6.94
C THR D 68 4.84 44.54 7.76
N ARG D 82 -1.17 45.97 11.87
CA ARG D 82 -1.62 46.56 13.14
C ARG D 82 -1.78 45.50 14.23
N GLU D 83 -2.72 44.58 14.01
CA GLU D 83 -2.92 43.49 14.97
C GLU D 83 -1.74 42.54 14.99
N MET D 84 -1.05 42.40 13.85
CA MET D 84 0.11 41.53 13.76
C MET D 84 1.30 42.10 14.53
N HIS D 85 1.48 43.42 14.49
CA HIS D 85 2.66 44.05 15.08
C HIS D 85 2.82 43.68 16.55
N GLU D 86 1.70 43.57 17.28
CA GLU D 86 1.76 43.16 18.68
C GLU D 86 2.25 41.73 18.81
N PHE D 87 1.83 40.86 17.87
CA PHE D 87 2.12 39.43 17.95
C PHE D 87 3.54 39.07 17.57
N LEU D 88 4.23 39.90 16.79
CA LEU D 88 5.52 39.54 16.21
C LEU D 88 6.72 39.96 17.06
N LEU D 89 6.51 40.74 18.12
CA LEU D 89 7.62 41.13 18.98
C LEU D 89 8.65 41.95 18.22
N ARG D 96 22.32 37.62 16.80
CA ARG D 96 21.58 37.66 18.05
C ARG D 96 21.24 36.25 18.54
N GLU D 97 20.48 36.17 19.63
CA GLU D 97 20.22 34.90 20.30
C GLU D 97 18.73 34.61 20.33
N PRO D 98 18.33 33.39 20.72
CA PRO D 98 16.91 33.11 20.93
C PRO D 98 16.30 34.06 21.95
N ARG D 99 15.03 34.40 21.72
CA ARG D 99 14.29 35.27 22.63
C ARG D 99 12.92 34.66 22.91
N PHE D 100 12.44 34.85 24.14
CA PHE D 100 11.15 34.33 24.57
C PHE D 100 10.50 35.40 25.44
N GLU D 101 9.43 36.01 24.94
CA GLU D 101 8.76 37.11 25.63
C GLU D 101 7.35 36.70 26.00
N ASP D 102 6.97 36.99 27.24
CA ASP D 102 5.61 36.77 27.73
C ASP D 102 4.83 38.06 27.53
N ARG D 103 3.73 37.97 26.79
CA ARG D 103 3.00 39.17 26.38
C ARG D 103 1.51 38.89 26.28
N ASP D 104 0.71 39.88 26.64
CA ASP D 104 -0.72 39.89 26.37
C ASP D 104 -0.97 40.66 25.08
N VAL D 105 -1.93 40.18 24.29
CA VAL D 105 -2.20 40.73 22.96
C VAL D 105 -3.69 40.87 22.76
N THR D 106 -4.07 41.91 22.02
CA THR D 106 -5.47 42.20 21.72
C THR D 106 -5.80 41.70 20.32
N LEU D 107 -6.79 40.82 20.23
CA LEU D 107 -7.18 40.19 18.96
C LEU D 107 -8.67 40.43 18.75
N HIS D 108 -8.99 41.34 17.83
CA HIS D 108 -10.38 41.65 17.49
C HIS D 108 -11.17 42.09 18.73
N GLY D 109 -10.56 42.98 19.51
CA GLY D 109 -11.24 43.56 20.65
C GLY D 109 -10.92 42.87 21.97
N ARG D 110 -10.81 41.55 21.95
CA ARG D 110 -10.55 40.78 23.16
C ARG D 110 -9.07 40.46 23.30
N THR D 111 -8.62 40.40 24.54
CA THR D 111 -7.22 40.11 24.84
C THR D 111 -7.02 38.61 25.07
N ARG D 112 -5.76 38.18 24.90
CA ARG D 112 -5.41 36.79 25.11
C ARG D 112 -3.96 36.74 25.60
N HIS D 113 -3.63 35.65 26.29
CA HIS D 113 -2.31 35.45 26.87
C HIS D 113 -1.50 34.55 25.95
N VAL D 114 -0.27 34.95 25.65
CA VAL D 114 0.54 34.32 24.61
C VAL D 114 2.00 34.39 25.02
N TYR D 115 2.76 33.36 24.62
CA TYR D 115 4.19 33.28 24.88
C TYR D 115 4.94 33.30 23.55
N GLN D 116 5.58 34.43 23.26
CA GLN D 116 6.30 34.60 22.01
C GLN D 116 7.69 33.99 22.09
N TRP D 117 8.17 33.50 20.95
CA TRP D 117 9.52 32.95 20.86
C TRP D 117 10.10 33.26 19.49
N THR D 118 11.44 33.34 19.42
CA THR D 118 12.14 33.64 18.18
C THR D 118 13.51 32.98 18.21
N ILE D 119 13.89 32.39 17.09
CA ILE D 119 15.18 31.75 16.92
C ILE D 119 15.86 32.37 15.72
N PRO D 120 17.08 32.89 15.82
CA PRO D 120 17.78 33.38 14.64
C PRO D 120 18.50 32.26 13.90
N TYR D 121 18.47 32.33 12.57
CA TYR D 121 19.17 31.38 11.73
C TYR D 121 20.06 32.15 10.76
N GLY D 122 21.27 31.64 10.55
CA GLY D 122 22.25 32.33 9.74
C GLY D 122 22.68 31.56 8.50
N ASP D 123 23.84 31.92 7.97
CA ASP D 123 24.42 31.30 6.79
C ASP D 123 25.65 30.49 7.21
N SER D 124 26.18 29.71 6.25
CA SER D 124 27.39 28.94 6.52
C SER D 124 28.47 29.78 7.19
N LEU D 125 28.52 31.08 6.86
CA LEU D 125 29.51 31.95 7.50
C LEU D 125 29.13 32.28 8.93
N GLY D 126 27.83 32.25 9.26
CA GLY D 126 27.35 32.66 10.55
C GLY D 126 26.63 34.00 10.56
N GLU D 127 26.44 34.62 9.39
CA GLU D 127 25.70 35.87 9.31
C GLU D 127 24.21 35.61 9.38
N LEU D 128 23.50 36.49 10.10
CA LEU D 128 22.06 36.32 10.29
C LEU D 128 21.34 36.53 8.96
N LYS D 129 20.67 35.48 8.48
CA LYS D 129 19.86 35.58 7.27
C LYS D 129 18.42 35.93 7.57
N GLY D 130 17.87 35.39 8.65
CA GLY D 130 16.50 35.70 9.01
C GLY D 130 16.19 35.26 10.41
N ILE D 131 14.90 35.22 10.72
CA ILE D 131 14.42 34.86 12.05
C ILE D 131 13.24 33.90 11.89
N ILE D 132 13.21 32.88 12.73
CA ILE D 132 12.07 31.96 12.85
C ILE D 132 11.40 32.24 14.18
N GLY D 133 10.10 32.56 14.13
CA GLY D 133 9.38 32.92 15.33
C GLY D 133 7.95 32.42 15.29
N GLY D 134 7.30 32.52 16.45
CA GLY D 134 5.92 32.10 16.61
C GLY D 134 5.45 32.36 18.02
N TRP D 135 4.49 31.58 18.49
CA TRP D 135 3.99 31.77 19.85
C TRP D 135 3.17 30.56 20.26
N ILE D 136 2.94 30.46 21.57
CA ILE D 136 2.20 29.35 22.17
C ILE D 136 1.07 29.95 22.99
N ASP D 137 -0.16 29.63 22.62
CA ASP D 137 -1.32 30.10 23.38
C ASP D 137 -1.26 29.56 24.81
N ILE D 138 -1.52 30.44 25.77
CA ILE D 138 -1.50 30.10 27.19
C ILE D 138 -2.83 30.54 27.76
N THR D 139 -3.74 29.59 27.98
CA THR D 139 -5.05 29.91 28.54
C THR D 139 -4.92 30.18 30.03
N GLU D 140 -5.64 31.21 30.49
CA GLU D 140 -5.58 31.58 31.90
C GLU D 140 -6.09 30.45 32.78
N ARG D 141 -5.47 30.32 33.96
CA ARG D 141 -5.89 29.29 34.90
C ARG D 141 -7.38 29.38 35.21
N ALA D 142 -7.91 30.60 35.29
CA ALA D 142 -9.32 30.76 35.61
C ALA D 142 -10.22 30.24 34.49
N GLU D 143 -9.79 30.43 33.24
CA GLU D 143 -10.58 29.94 32.11
C GLU D 143 -10.59 28.41 32.08
N LEU D 144 -9.44 27.78 32.34
CA LEU D 144 -9.40 26.32 32.42
C LEU D 144 -10.30 25.82 33.54
N LEU D 145 -10.31 26.52 34.68
CA LEU D 145 -11.21 26.15 35.77
C LEU D 145 -12.66 26.23 35.34
N ARG D 146 -13.00 27.25 34.54
CA ARG D 146 -14.37 27.40 34.06
C ARG D 146 -14.76 26.24 33.16
N LYS D 147 -13.92 25.94 32.16
CA LYS D 147 -14.24 24.84 31.23
C LYS D 147 -14.33 23.52 31.99
N LEU D 148 -13.48 23.33 32.99
CA LEU D 148 -13.54 22.11 33.80
C LEU D 148 -14.87 22.04 34.56
N HIS D 149 -15.18 23.08 35.34
CA HIS D 149 -16.44 23.10 36.09
C HIS D 149 -17.62 22.84 35.16
N ASP D 150 -17.72 23.59 34.07
CA ASP D 150 -18.82 23.42 33.13
C ASP D 150 -18.92 21.98 32.65
N LEU D 151 -17.78 21.29 32.52
CA LEU D 151 -17.80 19.91 32.05
C LEU D 151 -18.41 18.98 33.09
N LYS D 152 -17.96 19.08 34.34
CA LYS D 152 -18.47 18.19 35.38
C LYS D 152 -19.97 18.31 35.52
N GLU D 153 -20.52 19.52 35.33
CA GLU D 153 -21.94 19.72 35.53
C GLU D 153 -22.77 18.86 34.58
N SER D 154 -22.32 18.72 33.33
CA SER D 154 -23.05 17.94 32.35
C SER D 154 -22.65 16.46 32.41
N ALA E 15 -25.29 -11.43 -33.80
CA ALA E 15 -24.07 -11.37 -34.60
C ALA E 15 -22.97 -10.60 -33.86
N GLU E 16 -23.37 -9.72 -32.94
CA GLU E 16 -22.40 -9.08 -32.07
C GLU E 16 -21.76 -10.09 -31.13
N ARG E 17 -22.51 -11.12 -30.73
CA ARG E 17 -21.99 -12.16 -29.87
C ARG E 17 -20.90 -12.97 -30.55
N ALA E 18 -20.99 -13.15 -31.88
CA ALA E 18 -19.93 -13.81 -32.62
C ALA E 18 -18.64 -12.98 -32.58
N LEU E 19 -18.78 -11.65 -32.66
CA LEU E 19 -17.62 -10.77 -32.57
C LEU E 19 -17.02 -10.81 -31.17
N ASN E 20 -17.88 -10.75 -30.13
CA ASN E 20 -17.40 -10.74 -28.76
C ASN E 20 -16.73 -12.06 -28.39
N ASP E 21 -17.22 -13.18 -28.94
CA ASP E 21 -16.56 -14.47 -28.74
C ASP E 21 -15.14 -14.45 -29.28
N GLN E 22 -14.93 -13.80 -30.43
CA GLN E 22 -13.59 -13.72 -31.00
C GLN E 22 -12.66 -12.85 -30.14
N LEU E 23 -13.17 -11.72 -29.64
CA LEU E 23 -12.34 -10.85 -28.81
C LEU E 23 -11.93 -11.55 -27.51
N GLU E 24 -12.87 -12.20 -26.84
CA GLU E 24 -12.54 -12.97 -25.65
C GLU E 24 -11.48 -14.02 -25.96
N PHE E 25 -11.54 -14.60 -27.16
CA PHE E 25 -10.46 -15.50 -27.59
C PHE E 25 -9.16 -14.74 -27.77
N MET E 26 -9.22 -13.55 -28.40
CA MET E 26 -8.00 -12.76 -28.60
C MET E 26 -7.40 -12.36 -27.25
N ARG E 27 -8.24 -12.00 -26.28
CA ARG E 27 -7.72 -11.58 -24.99
C ARG E 27 -6.98 -12.73 -24.30
N VAL E 28 -7.54 -13.94 -24.34
CA VAL E 28 -6.84 -15.09 -23.77
C VAL E 28 -5.56 -15.35 -24.54
N LEU E 29 -5.61 -15.27 -25.87
CA LEU E 29 -4.42 -15.49 -26.69
C LEU E 29 -3.36 -14.43 -26.40
N ILE E 30 -3.76 -13.16 -26.34
CA ILE E 30 -2.80 -12.08 -26.17
C ILE E 30 -2.39 -11.94 -24.71
N ASP E 31 -3.37 -11.86 -23.80
CA ASP E 31 -3.10 -11.60 -22.39
C ASP E 31 -2.98 -12.85 -21.54
N GLY E 32 -3.27 -14.03 -22.07
CA GLY E 32 -3.38 -15.21 -21.24
C GLY E 32 -2.65 -16.45 -21.71
N THR E 33 -1.55 -16.29 -22.43
CA THR E 33 -0.72 -17.43 -22.84
C THR E 33 0.69 -17.24 -22.29
N PRO E 34 1.30 -18.29 -21.71
CA PRO E 34 2.57 -18.10 -21.00
C PRO E 34 3.79 -18.02 -21.91
N ASN E 35 3.77 -18.74 -23.03
CA ASN E 35 4.95 -18.75 -23.88
C ASN E 35 4.82 -17.71 -24.99
N PRO E 36 5.91 -17.04 -25.35
CA PRO E 36 5.84 -16.07 -26.46
C PRO E 36 5.27 -16.67 -27.73
N ILE E 37 4.35 -15.94 -28.36
CA ILE E 37 3.75 -16.33 -29.62
C ILE E 37 3.64 -15.08 -30.50
N TYR E 38 3.81 -15.27 -31.80
CA TYR E 38 3.69 -14.19 -32.76
C TYR E 38 3.18 -14.74 -34.08
N VAL E 39 2.65 -13.84 -34.90
CA VAL E 39 2.26 -14.16 -36.26
C VAL E 39 2.83 -13.07 -37.17
N ARG E 40 3.50 -13.47 -38.24
CA ARG E 40 4.21 -12.56 -39.12
C ARG E 40 3.79 -12.77 -40.56
N ASP E 41 3.63 -11.67 -41.29
CA ASP E 41 3.29 -11.72 -42.70
C ASP E 41 4.35 -12.48 -43.49
N LYS E 42 3.96 -12.93 -44.68
CA LYS E 42 4.95 -13.37 -45.67
C LYS E 42 5.96 -12.26 -45.93
N GLU E 43 5.53 -11.01 -45.84
CA GLU E 43 6.39 -9.86 -46.04
C GLU E 43 7.14 -9.44 -44.78
N GLY E 44 6.90 -10.09 -43.64
CA GLY E 44 7.64 -9.82 -42.43
C GLY E 44 6.98 -8.88 -41.45
N ARG E 45 5.76 -8.40 -41.74
CA ARG E 45 5.05 -7.55 -40.81
C ARG E 45 4.47 -8.37 -39.66
N MET E 46 4.59 -7.83 -38.45
CA MET E 46 4.05 -8.49 -37.26
C MET E 46 2.55 -8.21 -37.18
N LEU E 47 1.75 -9.28 -37.22
CA LEU E 47 0.30 -9.17 -37.13
C LEU E 47 -0.23 -9.38 -35.71
N LEU E 48 0.40 -10.27 -34.94
CA LEU E 48 -0.03 -10.55 -33.58
C LEU E 48 1.18 -10.78 -32.69
N CYS E 49 1.07 -10.31 -31.44
CA CYS E 49 2.07 -10.57 -30.43
C CYS E 49 1.35 -10.72 -29.09
N ASN E 50 1.61 -11.81 -28.40
CA ASN E 50 1.06 -11.96 -27.05
C ASN E 50 1.97 -11.25 -26.05
N ASP E 51 1.43 -11.00 -24.86
CA ASP E 51 2.17 -10.23 -23.88
C ASP E 51 3.46 -10.92 -23.46
N ALA E 52 3.48 -12.26 -23.50
CA ALA E 52 4.71 -12.98 -23.20
C ALA E 52 5.82 -12.54 -24.16
N TYR E 53 5.47 -12.32 -25.43
CA TYR E 53 6.43 -11.82 -26.41
C TYR E 53 6.85 -10.39 -26.09
N LEU E 54 5.86 -9.51 -25.92
CA LEU E 54 6.15 -8.09 -25.73
C LEU E 54 6.92 -7.85 -24.45
N ASP E 55 6.53 -8.52 -23.35
CA ASP E 55 7.18 -8.29 -22.07
C ASP E 55 8.60 -8.85 -22.02
N THR E 56 8.92 -9.83 -22.87
CA THR E 56 10.31 -10.29 -22.96
C THR E 56 11.24 -9.12 -23.29
N PHE E 57 10.76 -8.18 -24.10
CA PHE E 57 11.57 -7.04 -24.55
C PHE E 57 11.16 -5.73 -23.89
N GLY E 58 10.20 -5.75 -22.98
CA GLY E 58 9.82 -4.55 -22.27
C GLY E 58 9.18 -3.47 -23.12
N VAL E 59 8.39 -3.86 -24.12
CA VAL E 59 7.73 -2.91 -25.01
C VAL E 59 6.24 -3.21 -25.03
N THR E 60 5.49 -2.38 -25.74
CA THR E 60 4.05 -2.52 -25.91
C THR E 60 3.75 -2.90 -27.35
N ALA E 61 2.46 -3.14 -27.62
CA ALA E 61 2.07 -3.64 -28.93
C ALA E 61 2.29 -2.61 -30.03
N ASP E 62 2.00 -1.34 -29.76
CA ASP E 62 2.13 -0.31 -30.79
C ASP E 62 3.55 -0.15 -31.30
N ALA E 63 4.54 -0.73 -30.60
CA ALA E 63 5.92 -0.66 -31.04
C ALA E 63 6.31 -1.79 -31.98
N VAL E 64 5.41 -2.75 -32.24
CA VAL E 64 5.77 -3.93 -33.01
C VAL E 64 4.76 -4.18 -34.12
N LEU E 65 3.47 -4.02 -33.81
CA LEU E 65 2.43 -4.38 -34.76
C LEU E 65 2.59 -3.61 -36.07
N GLY E 66 2.52 -4.33 -37.18
CA GLY E 66 2.66 -3.74 -38.50
C GLY E 66 4.09 -3.42 -38.90
N LYS E 67 5.07 -3.77 -38.08
CA LYS E 67 6.47 -3.45 -38.32
C LYS E 67 7.27 -4.75 -38.47
N THR E 68 8.51 -4.61 -38.92
CA THR E 68 9.30 -5.73 -39.39
C THR E 68 10.57 -5.90 -38.55
N ILE E 69 11.18 -7.08 -38.71
CA ILE E 69 12.47 -7.41 -38.10
C ILE E 69 13.41 -7.81 -39.23
N PRO E 70 14.03 -6.85 -39.92
CA PRO E 70 14.81 -7.21 -41.12
C PRO E 70 15.94 -8.17 -40.82
N GLU E 71 16.34 -8.92 -41.85
CA GLU E 71 17.48 -9.81 -41.74
C GLU E 71 18.79 -9.04 -41.83
N ALA E 72 18.89 -8.11 -42.79
CA ALA E 72 20.07 -7.26 -42.88
C ALA E 72 20.08 -6.23 -41.76
N ASN E 73 21.27 -5.83 -41.35
CA ASN E 73 21.40 -4.87 -40.27
C ASN E 73 20.92 -3.49 -40.71
N VAL E 74 20.24 -2.81 -39.81
CA VAL E 74 19.73 -1.46 -40.05
C VAL E 74 20.77 -0.46 -39.55
N VAL E 75 20.82 0.70 -40.21
CA VAL E 75 21.71 1.77 -39.74
C VAL E 75 21.40 2.09 -38.29
N GLY E 76 22.44 2.39 -37.52
CA GLY E 76 22.29 2.68 -36.11
C GLY E 76 22.28 1.48 -35.21
N ASP E 77 22.17 0.27 -35.76
CA ASP E 77 22.16 -0.95 -34.96
C ASP E 77 21.04 -0.88 -33.93
N PRO E 78 19.79 -0.72 -34.35
CA PRO E 78 18.69 -0.60 -33.37
C PRO E 78 18.61 -1.83 -32.49
N ALA E 79 18.42 -1.60 -31.19
CA ALA E 79 18.52 -2.68 -30.22
C ALA E 79 17.31 -3.60 -30.27
N LEU E 80 16.11 -3.04 -30.36
CA LEU E 80 14.91 -3.87 -30.32
C LEU E 80 14.88 -4.85 -31.49
N ALA E 81 15.19 -4.36 -32.69
CA ALA E 81 15.26 -5.25 -33.85
C ALA E 81 16.31 -6.33 -33.66
N ARG E 82 17.47 -5.96 -33.13
CA ARG E 82 18.54 -6.93 -32.91
C ARG E 82 18.11 -7.99 -31.90
N GLU E 83 17.55 -7.56 -30.77
CA GLU E 83 17.13 -8.50 -29.75
C GLU E 83 16.08 -9.47 -30.28
N MET E 84 15.03 -8.94 -30.92
CA MET E 84 14.00 -9.81 -31.46
C MET E 84 14.57 -10.77 -32.49
N HIS E 85 15.47 -10.30 -33.35
CA HIS E 85 16.07 -11.17 -34.35
C HIS E 85 16.69 -12.40 -33.71
N GLU E 86 17.28 -12.23 -32.52
CA GLU E 86 17.88 -13.37 -31.82
C GLU E 86 16.82 -14.43 -31.51
N PHE E 87 15.67 -14.00 -31.00
CA PHE E 87 14.62 -14.94 -30.60
C PHE E 87 13.83 -15.49 -31.79
N LEU E 88 13.84 -14.80 -32.92
CA LEU E 88 13.14 -15.26 -34.11
C LEU E 88 14.06 -16.14 -34.96
N LEU E 89 13.44 -16.83 -35.91
CA LEU E 89 14.17 -17.62 -36.90
C LEU E 89 14.23 -16.85 -38.22
N THR E 90 15.33 -17.06 -38.94
CA THR E 90 15.56 -16.33 -40.19
C THR E 90 14.47 -16.60 -41.22
N GLU E 95 9.92 -21.74 -47.25
CA GLU E 95 9.48 -22.49 -46.09
C GLU E 95 8.04 -22.96 -46.25
N ARG E 96 7.86 -24.28 -46.34
CA ARG E 96 6.53 -24.87 -46.43
C ARG E 96 6.20 -25.82 -45.29
N GLU E 97 7.19 -26.22 -44.51
CA GLU E 97 7.01 -27.11 -43.38
C GLU E 97 7.32 -26.37 -42.08
N PRO E 98 7.00 -26.98 -40.94
CA PRO E 98 7.42 -26.39 -39.66
C PRO E 98 8.92 -26.39 -39.52
N ARG E 99 9.43 -25.45 -38.71
CA ARG E 99 10.84 -25.35 -38.39
C ARG E 99 11.01 -25.34 -36.88
N PHE E 100 12.15 -25.87 -36.43
CA PHE E 100 12.47 -25.90 -35.01
C PHE E 100 13.97 -25.67 -34.85
N GLU E 101 14.35 -24.94 -33.81
CA GLU E 101 15.74 -24.68 -33.53
C GLU E 101 15.94 -24.52 -32.03
N ASP E 102 17.11 -24.97 -31.56
CA ASP E 102 17.47 -24.99 -30.15
C ASP E 102 18.65 -24.06 -29.95
N ARG E 103 18.40 -22.90 -29.33
CA ARG E 103 19.39 -21.85 -29.24
C ARG E 103 19.48 -21.28 -27.83
N ASP E 104 20.57 -20.59 -27.56
CA ASP E 104 20.75 -19.78 -26.37
C ASP E 104 20.80 -18.32 -26.77
N VAL E 105 20.07 -17.47 -26.05
CA VAL E 105 20.01 -16.04 -26.34
C VAL E 105 20.30 -15.27 -25.06
N THR E 106 21.07 -14.19 -25.19
CA THR E 106 21.44 -13.34 -24.07
C THR E 106 20.74 -12.00 -24.21
N LEU E 107 20.09 -11.56 -23.13
CA LEU E 107 19.33 -10.32 -23.12
C LEU E 107 19.34 -9.78 -21.70
N HIS E 108 19.83 -8.54 -21.54
CA HIS E 108 19.93 -7.92 -20.22
C HIS E 108 20.82 -8.75 -19.28
N GLY E 109 21.88 -9.31 -19.82
CA GLY E 109 22.81 -10.10 -19.03
C GLY E 109 22.30 -11.46 -18.60
N ARG E 110 21.09 -11.84 -18.99
CA ARG E 110 20.54 -13.16 -18.70
C ARG E 110 20.55 -13.99 -19.96
N THR E 111 21.22 -15.13 -19.92
CA THR E 111 21.26 -16.07 -21.04
C THR E 111 20.14 -17.09 -20.86
N ARG E 112 19.27 -17.19 -21.87
CA ARG E 112 18.10 -18.06 -21.82
C ARG E 112 18.22 -19.13 -22.89
N HIS E 113 17.98 -20.38 -22.48
CA HIS E 113 17.91 -21.52 -23.39
C HIS E 113 16.48 -21.60 -23.92
N VAL E 114 16.30 -21.28 -25.20
CA VAL E 114 14.97 -21.12 -25.79
C VAL E 114 14.78 -22.16 -26.88
N TYR E 115 13.54 -22.65 -26.99
CA TYR E 115 13.14 -23.64 -27.98
C TYR E 115 12.30 -22.92 -29.02
N GLN E 116 12.91 -22.64 -30.18
CA GLN E 116 12.27 -21.83 -31.21
C GLN E 116 11.48 -22.70 -32.18
N TRP E 117 10.40 -22.14 -32.70
CA TRP E 117 9.55 -22.87 -33.63
C TRP E 117 8.80 -21.89 -34.52
N THR E 118 8.51 -22.35 -35.75
CA THR E 118 7.66 -21.62 -36.67
C THR E 118 6.83 -22.62 -37.45
N ILE E 119 5.63 -22.20 -37.83
CA ILE E 119 4.70 -23.03 -38.60
C ILE E 119 4.11 -22.17 -39.71
N PRO E 120 4.24 -22.55 -40.97
CA PRO E 120 3.64 -21.74 -42.04
C PRO E 120 2.14 -21.98 -42.15
N TYR E 121 1.44 -20.95 -42.61
CA TYR E 121 0.01 -21.04 -42.87
C TYR E 121 -0.29 -20.33 -44.19
N GLY E 122 -1.42 -20.68 -44.80
CA GLY E 122 -1.72 -20.17 -46.12
C GLY E 122 -3.22 -20.03 -46.34
N ASP E 123 -3.55 -19.54 -47.53
CA ASP E 123 -4.94 -19.32 -47.92
C ASP E 123 -5.65 -20.66 -48.11
N SER E 124 -6.90 -20.60 -48.55
CA SER E 124 -7.64 -21.81 -48.86
C SER E 124 -7.03 -22.57 -50.04
N LEU E 125 -6.37 -21.86 -50.95
CA LEU E 125 -5.73 -22.51 -52.09
C LEU E 125 -4.42 -23.20 -51.70
N GLY E 126 -3.84 -22.84 -50.56
CA GLY E 126 -2.53 -23.33 -50.19
C GLY E 126 -1.40 -22.38 -50.45
N GLU E 127 -1.69 -21.13 -50.80
CA GLU E 127 -0.65 -20.12 -50.98
C GLU E 127 -0.25 -19.59 -49.60
N LEU E 128 1.02 -19.73 -49.26
CA LEU E 128 1.49 -19.28 -47.96
C LEU E 128 1.34 -17.78 -47.82
N LYS E 129 0.69 -17.35 -46.74
CA LYS E 129 0.46 -15.94 -46.47
C LYS E 129 1.16 -15.44 -45.22
N GLY E 130 1.74 -16.31 -44.41
CA GLY E 130 2.41 -15.86 -43.20
C GLY E 130 2.97 -17.03 -42.43
N ILE E 131 3.44 -16.74 -41.22
CA ILE E 131 4.08 -17.71 -40.36
C ILE E 131 3.68 -17.45 -38.91
N ILE E 132 3.28 -18.50 -38.21
CA ILE E 132 3.08 -18.46 -36.77
C ILE E 132 4.35 -18.97 -36.11
N GLY E 133 4.74 -18.36 -35.00
CA GLY E 133 5.96 -18.76 -34.36
C GLY E 133 6.01 -18.34 -32.90
N GLY E 134 7.07 -18.77 -32.23
CA GLY E 134 7.27 -18.44 -30.84
C GLY E 134 8.44 -19.23 -30.29
N TRP E 135 8.53 -19.26 -28.97
CA TRP E 135 9.57 -20.04 -28.31
C TRP E 135 9.16 -20.31 -26.88
N ILE E 136 9.77 -21.35 -26.31
CA ILE E 136 9.58 -21.74 -24.92
C ILE E 136 10.90 -21.52 -24.21
N ASP E 137 10.86 -20.77 -23.11
CA ASP E 137 12.06 -20.50 -22.31
C ASP E 137 12.35 -21.75 -21.48
N ILE E 138 13.34 -22.53 -21.93
CA ILE E 138 13.68 -23.77 -21.24
C ILE E 138 14.40 -23.48 -19.94
N THR E 139 15.12 -22.36 -19.86
CA THR E 139 15.85 -22.04 -18.63
C THR E 139 14.91 -21.87 -17.46
N GLU E 140 13.74 -21.24 -17.68
CA GLU E 140 12.76 -21.09 -16.60
C GLU E 140 12.39 -22.44 -16.01
N ARG E 141 12.13 -23.43 -16.86
CA ARG E 141 11.79 -24.76 -16.36
C ARG E 141 12.96 -25.37 -15.61
N ALA E 142 14.17 -25.30 -16.20
CA ALA E 142 15.33 -25.90 -15.56
C ALA E 142 15.61 -25.27 -14.20
N GLU E 143 15.45 -23.94 -14.09
CA GLU E 143 15.70 -23.28 -12.82
C GLU E 143 14.62 -23.60 -11.80
N LEU E 144 13.38 -23.83 -12.25
CA LEU E 144 12.32 -24.22 -11.33
C LEU E 144 12.64 -25.56 -10.69
N LEU E 145 13.08 -26.54 -11.48
CA LEU E 145 13.43 -27.84 -10.93
C LEU E 145 14.61 -27.73 -9.98
N ARG E 146 15.61 -26.92 -10.35
CA ARG E 146 16.78 -26.76 -9.49
C ARG E 146 16.41 -26.15 -8.15
N LYS E 147 15.62 -25.08 -8.18
CA LYS E 147 15.21 -24.43 -6.93
C LYS E 147 14.37 -25.36 -6.07
N LEU E 148 13.55 -26.20 -6.68
CA LEU E 148 12.74 -27.14 -5.90
C LEU E 148 13.59 -28.24 -5.30
N HIS E 149 14.43 -28.88 -6.12
CA HIS E 149 15.25 -29.99 -5.62
C HIS E 149 16.16 -29.54 -4.49
N ASP E 150 16.63 -28.28 -4.52
CA ASP E 150 17.45 -27.78 -3.43
C ASP E 150 16.70 -27.77 -2.10
N LEU E 151 15.37 -27.78 -2.12
CA LEU E 151 14.57 -27.82 -0.90
C LEU E 151 14.10 -29.25 -0.62
N GLU F 16 -18.51 2.77 -14.19
CA GLU F 16 -19.02 2.47 -15.52
C GLU F 16 -18.07 1.51 -16.26
N ARG F 17 -16.85 1.98 -16.49
CA ARG F 17 -15.82 1.18 -17.14
C ARG F 17 -15.01 0.37 -16.14
N ALA F 18 -15.14 0.66 -14.84
CA ALA F 18 -14.42 -0.09 -13.82
C ALA F 18 -14.86 -1.56 -13.84
N LEU F 19 -16.15 -1.80 -14.09
CA LEU F 19 -16.62 -3.19 -14.12
C LEU F 19 -16.03 -3.94 -15.30
N ASN F 20 -15.95 -3.28 -16.47
CA ASN F 20 -15.35 -3.94 -17.64
C ASN F 20 -13.86 -4.18 -17.42
N ASP F 21 -13.15 -3.19 -16.87
CA ASP F 21 -11.75 -3.40 -16.52
C ASP F 21 -11.60 -4.58 -15.59
N GLN F 22 -12.43 -4.66 -14.55
CA GLN F 22 -12.40 -5.81 -13.65
C GLN F 22 -12.70 -7.10 -14.40
N LEU F 23 -13.69 -7.10 -15.29
CA LEU F 23 -14.06 -8.32 -15.99
C LEU F 23 -12.96 -8.76 -16.95
N GLU F 24 -12.28 -7.82 -17.60
CA GLU F 24 -11.13 -8.17 -18.42
C GLU F 24 -10.07 -8.86 -17.58
N PHE F 25 -9.84 -8.36 -16.36
CA PHE F 25 -8.89 -9.01 -15.45
C PHE F 25 -9.35 -10.42 -15.09
N MET F 26 -10.64 -10.58 -14.78
CA MET F 26 -11.15 -11.91 -14.46
C MET F 26 -11.00 -12.85 -15.64
N ARG F 27 -11.25 -12.37 -16.86
CA ARG F 27 -11.05 -13.19 -18.04
C ARG F 27 -9.64 -13.75 -18.08
N VAL F 28 -8.64 -12.91 -17.78
CA VAL F 28 -7.26 -13.37 -17.80
C VAL F 28 -6.99 -14.32 -16.65
N LEU F 29 -7.50 -13.99 -15.45
CA LEU F 29 -7.23 -14.82 -14.28
C LEU F 29 -7.79 -16.22 -14.46
N ILE F 30 -9.02 -16.33 -14.94
CA ILE F 30 -9.72 -17.61 -15.02
C ILE F 30 -9.41 -18.35 -16.32
N ASP F 31 -9.46 -17.65 -17.45
CA ASP F 31 -9.22 -18.30 -18.74
C ASP F 31 -7.78 -18.23 -19.22
N GLY F 32 -6.94 -17.42 -18.58
CA GLY F 32 -5.60 -17.19 -19.11
C GLY F 32 -4.47 -17.23 -18.09
N THR F 33 -4.52 -18.18 -17.17
CA THR F 33 -3.44 -18.40 -16.21
C THR F 33 -3.07 -19.88 -16.26
N PRO F 34 -1.79 -20.23 -16.48
CA PRO F 34 -1.46 -21.63 -16.79
C PRO F 34 -1.38 -22.54 -15.58
N ASN F 35 -1.17 -22.00 -14.37
CA ASN F 35 -1.11 -22.87 -13.20
C ASN F 35 -2.43 -22.84 -12.44
N PRO F 36 -2.90 -23.97 -11.91
CA PRO F 36 -4.17 -23.96 -11.18
C PRO F 36 -4.14 -23.01 -10.00
N ILE F 37 -5.20 -22.22 -9.87
CA ILE F 37 -5.38 -21.30 -8.75
C ILE F 37 -6.83 -21.33 -8.31
N TYR F 38 -7.05 -21.14 -7.02
CA TYR F 38 -8.39 -21.14 -6.45
C TYR F 38 -8.42 -20.21 -5.26
N VAL F 39 -9.63 -19.80 -4.89
CA VAL F 39 -9.88 -19.05 -3.66
C VAL F 39 -10.99 -19.76 -2.92
N ARG F 40 -10.80 -19.95 -1.61
CA ARG F 40 -11.75 -20.71 -0.81
C ARG F 40 -12.11 -19.94 0.45
N ASP F 41 -13.39 -19.98 0.79
CA ASP F 41 -13.90 -19.36 2.00
C ASP F 41 -13.19 -19.92 3.23
N LYS F 42 -13.27 -19.16 4.33
CA LYS F 42 -12.93 -19.73 5.63
C LYS F 42 -13.82 -20.92 5.96
N GLU F 43 -15.08 -20.88 5.48
CA GLU F 43 -16.00 -21.98 5.64
C GLU F 43 -15.73 -23.13 4.69
N GLY F 44 -14.83 -22.95 3.72
CA GLY F 44 -14.49 -24.00 2.77
C GLY F 44 -15.17 -23.90 1.43
N ARG F 45 -16.02 -22.89 1.21
CA ARG F 45 -16.69 -22.72 -0.07
C ARG F 45 -15.72 -22.17 -1.11
N MET F 46 -15.71 -22.80 -2.29
CA MET F 46 -14.86 -22.34 -3.38
C MET F 46 -15.44 -21.08 -3.98
N LEU F 47 -14.67 -19.99 -3.94
CA LEU F 47 -15.10 -18.70 -4.48
C LEU F 47 -14.61 -18.46 -5.89
N LEU F 48 -13.43 -18.95 -6.25
CA LEU F 48 -12.85 -18.68 -7.55
C LEU F 48 -12.04 -19.90 -7.99
N CYS F 49 -12.15 -20.23 -9.27
CA CYS F 49 -11.41 -21.32 -9.88
C CYS F 49 -11.02 -20.92 -11.29
N ASN F 50 -9.76 -21.13 -11.65
CA ASN F 50 -9.33 -20.90 -13.02
C ASN F 50 -9.44 -22.20 -13.82
N ASP F 51 -9.32 -22.07 -15.14
CA ASP F 51 -9.55 -23.22 -16.01
C ASP F 51 -8.48 -24.29 -15.82
N ALA F 52 -7.24 -23.88 -15.56
CA ALA F 52 -6.20 -24.85 -15.23
C ALA F 52 -6.65 -25.76 -14.09
N TYR F 53 -7.31 -25.19 -13.08
CA TYR F 53 -7.83 -25.98 -11.99
C TYR F 53 -8.97 -26.89 -12.46
N LEU F 54 -10.01 -26.29 -13.05
CA LEU F 54 -11.19 -27.05 -13.43
C LEU F 54 -10.84 -28.18 -14.41
N ASP F 55 -10.02 -27.88 -15.41
CA ASP F 55 -9.71 -28.87 -16.44
C ASP F 55 -8.82 -29.99 -15.92
N THR F 56 -8.10 -29.77 -14.82
CA THR F 56 -7.37 -30.88 -14.21
C THR F 56 -8.29 -32.05 -13.92
N PHE F 57 -9.55 -31.76 -13.57
CA PHE F 57 -10.53 -32.79 -13.23
C PHE F 57 -11.61 -32.94 -14.29
N GLY F 58 -11.59 -32.12 -15.33
CA GLY F 58 -12.54 -32.24 -16.42
C GLY F 58 -13.94 -31.80 -16.06
N VAL F 59 -14.08 -30.70 -15.32
CA VAL F 59 -15.37 -30.23 -14.83
C VAL F 59 -15.55 -28.76 -15.17
N THR F 60 -16.77 -28.28 -14.97
CA THR F 60 -17.15 -26.89 -15.19
C THR F 60 -17.16 -26.13 -13.87
N ALA F 61 -17.10 -24.80 -13.97
CA ALA F 61 -17.10 -23.97 -12.78
C ALA F 61 -18.38 -24.20 -11.96
N ASP F 62 -19.52 -24.33 -12.64
CA ASP F 62 -20.79 -24.52 -11.94
C ASP F 62 -20.77 -25.73 -11.02
N ALA F 63 -19.84 -26.66 -11.23
CA ALA F 63 -19.74 -27.87 -10.41
C ALA F 63 -18.86 -27.69 -9.18
N VAL F 64 -18.25 -26.52 -8.98
CA VAL F 64 -17.34 -26.32 -7.85
C VAL F 64 -17.70 -25.05 -7.09
N LEU F 65 -18.05 -23.99 -7.82
CA LEU F 65 -18.29 -22.70 -7.18
C LEU F 65 -19.36 -22.81 -6.11
N GLY F 66 -19.10 -22.21 -4.95
CA GLY F 66 -20.01 -22.25 -3.83
C GLY F 66 -20.08 -23.58 -3.12
N LYS F 67 -19.30 -24.56 -3.53
CA LYS F 67 -19.32 -25.90 -2.95
C LYS F 67 -18.03 -26.16 -2.19
N THR F 68 -18.01 -27.27 -1.46
CA THR F 68 -16.93 -27.58 -0.54
C THR F 68 -16.26 -28.89 -0.91
N ILE F 69 -15.12 -29.14 -0.26
CA ILE F 69 -14.35 -30.37 -0.44
C ILE F 69 -14.04 -30.89 0.96
N PRO F 70 -14.97 -31.64 1.57
CA PRO F 70 -14.81 -31.97 3.00
C PRO F 70 -13.58 -32.83 3.26
N GLU F 71 -13.16 -32.81 4.52
CA GLU F 71 -12.02 -33.63 4.95
C GLU F 71 -12.43 -35.07 5.19
N ALA F 72 -13.61 -35.27 5.78
CA ALA F 72 -14.11 -36.62 6.00
C ALA F 72 -14.56 -37.25 4.69
N ASN F 73 -14.51 -38.58 4.63
CA ASN F 73 -14.96 -39.30 3.45
C ASN F 73 -16.47 -39.16 3.30
N VAL F 74 -16.90 -38.63 2.17
CA VAL F 74 -18.33 -38.46 1.91
C VAL F 74 -18.92 -39.80 1.51
N VAL F 75 -20.20 -39.98 1.84
CA VAL F 75 -20.90 -41.21 1.49
C VAL F 75 -20.79 -41.46 -0.01
N GLY F 76 -20.58 -42.73 -0.38
CA GLY F 76 -20.49 -43.11 -1.77
C GLY F 76 -19.15 -42.87 -2.43
N ASP F 77 -18.20 -42.25 -1.72
CA ASP F 77 -16.85 -42.06 -2.25
C ASP F 77 -16.88 -41.32 -3.59
N PRO F 78 -17.47 -40.13 -3.64
CA PRO F 78 -17.50 -39.39 -4.91
C PRO F 78 -16.08 -39.08 -5.38
N ALA F 79 -15.85 -39.28 -6.68
CA ALA F 79 -14.50 -39.19 -7.22
C ALA F 79 -13.99 -37.74 -7.22
N LEU F 80 -14.84 -36.79 -7.63
CA LEU F 80 -14.38 -35.42 -7.78
C LEU F 80 -13.88 -34.86 -6.45
N ALA F 81 -14.64 -35.05 -5.38
CA ALA F 81 -14.23 -34.56 -4.06
C ALA F 81 -12.91 -35.19 -3.64
N ARG F 82 -12.80 -36.52 -3.76
CA ARG F 82 -11.56 -37.19 -3.38
C ARG F 82 -10.38 -36.69 -4.19
N GLU F 83 -10.54 -36.63 -5.52
CA GLU F 83 -9.46 -36.17 -6.37
C GLU F 83 -9.02 -34.75 -5.99
N MET F 84 -9.97 -33.83 -5.86
CA MET F 84 -9.63 -32.46 -5.50
C MET F 84 -8.93 -32.42 -4.15
N HIS F 85 -9.40 -33.20 -3.17
CA HIS F 85 -8.78 -33.17 -1.85
C HIS F 85 -7.31 -33.56 -1.91
N GLU F 86 -6.91 -34.35 -2.92
CA GLU F 86 -5.51 -34.71 -3.04
C GLU F 86 -4.66 -33.50 -3.45
N PHE F 87 -5.18 -32.64 -4.32
CA PHE F 87 -4.42 -31.51 -4.82
C PHE F 87 -4.45 -30.32 -3.88
N LEU F 88 -5.44 -30.23 -3.00
CA LEU F 88 -5.53 -29.13 -2.05
C LEU F 88 -4.76 -29.45 -0.78
N LEU F 89 -4.63 -28.44 0.08
CA LEU F 89 -4.00 -28.60 1.38
C LEU F 89 -5.08 -28.62 2.46
N THR F 90 -4.86 -29.45 3.47
CA THR F 90 -5.85 -29.64 4.52
C THR F 90 -6.18 -28.31 5.19
N ARG F 91 -7.48 -28.10 5.45
CA ARG F 91 -7.90 -26.93 6.19
C ARG F 91 -7.27 -26.91 7.58
N VAL F 92 -6.97 -25.71 8.07
CA VAL F 92 -6.38 -25.53 9.38
C VAL F 92 -6.98 -24.28 10.02
N ALA F 93 -7.32 -24.38 11.29
CA ALA F 93 -7.89 -23.24 12.01
C ALA F 93 -6.92 -22.08 12.04
N ALA F 94 -5.74 -22.29 12.63
CA ALA F 94 -4.72 -21.26 12.74
C ALA F 94 -3.85 -21.26 11.47
N GLU F 95 -4.44 -20.76 10.39
CA GLU F 95 -3.72 -20.66 9.13
C GLU F 95 -2.53 -19.70 9.26
N ARG F 96 -2.82 -18.44 9.60
CA ARG F 96 -1.79 -17.48 9.95
C ARG F 96 -0.83 -17.18 8.80
N GLU F 97 0.12 -18.07 8.52
CA GLU F 97 1.16 -17.82 7.55
C GLU F 97 0.99 -18.69 6.32
N PRO F 98 1.70 -18.37 5.23
CA PRO F 98 1.58 -19.18 4.01
C PRO F 98 2.17 -20.56 4.22
N ARG F 99 1.51 -21.56 3.64
CA ARG F 99 1.94 -22.95 3.70
C ARG F 99 2.37 -23.41 2.31
N PHE F 100 3.38 -24.27 2.29
CA PHE F 100 3.86 -24.88 1.06
C PHE F 100 4.13 -26.35 1.31
N GLU F 101 3.68 -27.18 0.37
CA GLU F 101 3.86 -28.62 0.49
C GLU F 101 4.18 -29.20 -0.88
N ASP F 102 4.71 -30.42 -0.85
CA ASP F 102 5.24 -31.08 -2.05
C ASP F 102 4.90 -32.55 -1.96
N ARG F 103 4.11 -33.05 -2.92
CA ARG F 103 3.69 -34.44 -2.90
C ARG F 103 3.49 -34.92 -4.33
N ASP F 104 3.32 -36.24 -4.46
CA ASP F 104 2.91 -36.87 -5.71
C ASP F 104 1.43 -37.21 -5.65
N VAL F 105 0.73 -37.00 -6.76
CA VAL F 105 -0.70 -37.29 -6.85
C VAL F 105 -0.94 -38.11 -8.10
N THR F 106 -1.69 -39.20 -7.96
CA THR F 106 -2.05 -40.06 -9.08
C THR F 106 -3.52 -39.78 -9.44
N LEU F 107 -3.76 -39.42 -10.69
CA LEU F 107 -5.08 -39.06 -11.16
C LEU F 107 -5.34 -39.72 -12.50
N HIS F 108 -6.49 -40.39 -12.64
CA HIS F 108 -6.87 -41.02 -13.88
C HIS F 108 -5.91 -42.15 -14.26
N GLY F 109 -4.63 -41.84 -14.40
CA GLY F 109 -3.67 -42.87 -14.74
C GLY F 109 -2.22 -42.55 -14.41
N ARG F 110 -1.86 -41.26 -14.37
CA ARG F 110 -0.48 -40.84 -14.24
C ARG F 110 -0.26 -40.05 -12.96
N THR F 111 0.87 -40.29 -12.31
CA THR F 111 1.24 -39.62 -11.08
C THR F 111 1.96 -38.31 -11.40
N ARG F 112 1.50 -37.22 -10.80
CA ARG F 112 2.07 -35.91 -11.02
C ARG F 112 2.74 -35.42 -9.74
N HIS F 113 3.94 -34.87 -9.89
CA HIS F 113 4.66 -34.24 -8.80
C HIS F 113 4.26 -32.77 -8.76
N VAL F 114 3.51 -32.38 -7.72
CA VAL F 114 2.90 -31.06 -7.64
C VAL F 114 3.47 -30.30 -6.45
N TYR F 115 3.69 -29.00 -6.64
CA TYR F 115 4.13 -28.09 -5.60
C TYR F 115 2.93 -27.26 -5.16
N GLN F 116 2.44 -27.51 -3.95
CA GLN F 116 1.22 -26.88 -3.45
C GLN F 116 1.54 -25.69 -2.56
N TRP F 117 0.61 -24.74 -2.52
CA TRP F 117 0.81 -23.52 -1.76
C TRP F 117 -0.55 -22.94 -1.35
N THR F 118 -0.57 -22.26 -0.21
CA THR F 118 -1.73 -21.51 0.23
C THR F 118 -1.24 -20.21 0.89
N ILE F 119 -2.03 -19.16 0.72
CA ILE F 119 -1.76 -17.86 1.33
C ILE F 119 -3.05 -17.35 1.96
N PRO F 120 -3.11 -17.16 3.27
CA PRO F 120 -4.33 -16.65 3.89
C PRO F 120 -4.49 -15.15 3.66
N TYR F 121 -5.73 -14.69 3.80
CA TYR F 121 -6.05 -13.29 3.73
C TYR F 121 -7.23 -13.01 4.66
N GLY F 122 -7.23 -11.81 5.25
CA GLY F 122 -8.23 -11.48 6.25
C GLY F 122 -8.56 -10.01 6.32
N ASP F 123 -9.07 -9.57 7.47
CA ASP F 123 -9.53 -8.22 7.68
C ASP F 123 -8.62 -7.49 8.66
N SER F 124 -9.05 -6.30 9.10
CA SER F 124 -8.22 -5.46 9.95
C SER F 124 -7.87 -6.17 11.26
N LEU F 125 -8.84 -6.86 11.86
CA LEU F 125 -8.66 -7.49 13.16
C LEU F 125 -7.93 -8.83 13.09
N GLY F 126 -7.34 -9.17 11.95
CA GLY F 126 -6.67 -10.45 11.80
C GLY F 126 -7.58 -11.62 11.57
N GLU F 127 -8.88 -11.39 11.39
CA GLU F 127 -9.82 -12.47 11.16
C GLU F 127 -9.73 -12.95 9.72
N LEU F 128 -9.64 -14.28 9.56
CA LEU F 128 -9.49 -14.85 8.22
C LEU F 128 -10.79 -14.74 7.46
N LYS F 129 -10.71 -14.27 6.22
CA LYS F 129 -11.84 -14.28 5.29
C LYS F 129 -11.78 -15.45 4.31
N GLY F 130 -10.59 -15.96 4.03
CA GLY F 130 -10.45 -17.04 3.09
C GLY F 130 -9.00 -17.37 2.86
N ILE F 131 -8.75 -18.17 1.83
CA ILE F 131 -7.41 -18.65 1.51
C ILE F 131 -7.25 -18.69 0.00
N ILE F 132 -6.11 -18.17 -0.49
CA ILE F 132 -5.73 -18.25 -1.89
C ILE F 132 -4.73 -19.38 -2.03
N GLY F 133 -5.00 -20.33 -2.93
CA GLY F 133 -4.14 -21.48 -3.07
C GLY F 133 -4.04 -21.95 -4.50
N GLY F 134 -3.20 -22.96 -4.70
CA GLY F 134 -3.02 -23.57 -6.01
C GLY F 134 -1.89 -24.58 -5.96
N TRP F 135 -1.40 -24.94 -7.14
CA TRP F 135 -0.25 -25.83 -7.23
C TRP F 135 0.39 -25.68 -8.60
N ILE F 136 1.62 -26.18 -8.70
CA ILE F 136 2.38 -26.17 -9.94
C ILE F 136 2.75 -27.60 -10.28
N ASP F 137 2.50 -28.01 -11.51
CA ASP F 137 2.78 -29.37 -11.96
C ASP F 137 4.25 -29.46 -12.33
N ILE F 138 5.05 -30.05 -11.44
CA ILE F 138 6.48 -30.17 -11.67
C ILE F 138 6.76 -31.18 -12.77
N THR F 139 5.95 -32.24 -12.86
CA THR F 139 6.17 -33.25 -13.89
C THR F 139 6.11 -32.64 -15.29
N GLU F 140 5.25 -31.64 -15.49
CA GLU F 140 5.17 -30.99 -16.79
C GLU F 140 6.51 -30.37 -17.17
N ARG F 141 7.21 -29.79 -16.21
CA ARG F 141 8.49 -29.15 -16.50
C ARG F 141 9.58 -30.19 -16.75
N ALA F 142 9.66 -31.20 -15.88
CA ALA F 142 10.65 -32.26 -16.07
C ALA F 142 10.35 -33.06 -17.34
N GLU F 143 9.06 -33.27 -17.63
CA GLU F 143 8.68 -33.90 -18.88
C GLU F 143 9.24 -33.14 -20.08
N LEU F 144 9.09 -31.81 -20.06
CA LEU F 144 9.59 -30.98 -21.15
C LEU F 144 11.10 -31.12 -21.29
N LEU F 145 11.82 -31.04 -20.17
CA LEU F 145 13.27 -31.15 -20.21
C LEU F 145 13.71 -32.56 -20.59
N ARG F 146 13.00 -33.58 -20.11
CA ARG F 146 13.34 -34.95 -20.49
C ARG F 146 13.12 -35.18 -21.98
N LYS F 147 12.13 -34.51 -22.57
CA LYS F 147 11.86 -34.68 -24.00
C LYS F 147 12.83 -33.86 -24.85
N LEU F 148 13.35 -32.75 -24.33
CA LEU F 148 14.29 -31.94 -25.10
C LEU F 148 15.68 -32.56 -25.11
N HIS F 149 16.20 -32.94 -23.94
CA HIS F 149 17.53 -33.52 -23.88
C HIS F 149 17.59 -34.91 -24.50
N ASP F 150 16.45 -35.60 -24.62
CA ASP F 150 16.43 -36.84 -25.40
C ASP F 150 16.43 -36.54 -26.89
N LEU F 151 15.66 -35.53 -27.31
CA LEU F 151 15.59 -35.19 -28.72
C LEU F 151 16.96 -34.83 -29.28
N LYS F 152 17.84 -34.28 -28.44
CA LYS F 152 19.21 -34.01 -28.88
C LYS F 152 19.91 -35.27 -29.35
N GLU F 153 19.48 -36.44 -28.89
CA GLU F 153 20.13 -37.70 -29.23
C GLU F 153 19.24 -38.55 -30.12
N ASN G 20 14.14 -16.89 6.28
CA ASN G 20 14.66 -17.11 4.93
C ASN G 20 14.07 -18.36 4.30
N ASP G 21 13.91 -19.42 5.10
CA ASP G 21 13.31 -20.65 4.56
C ASP G 21 11.96 -20.37 3.94
N GLN G 22 11.16 -19.50 4.56
CA GLN G 22 9.88 -19.12 3.95
C GLN G 22 10.10 -18.37 2.64
N LEU G 23 11.24 -17.69 2.50
CA LEU G 23 11.52 -16.99 1.24
C LEU G 23 11.92 -17.96 0.14
N GLU G 24 12.57 -19.07 0.48
CA GLU G 24 12.92 -20.06 -0.53
C GLU G 24 11.68 -20.77 -1.06
N PHE G 25 10.70 -21.02 -0.19
CA PHE G 25 9.44 -21.59 -0.65
C PHE G 25 8.71 -20.63 -1.57
N MET G 26 8.82 -19.31 -1.31
CA MET G 26 8.17 -18.33 -2.17
C MET G 26 8.93 -18.14 -3.49
N ARG G 27 10.25 -18.32 -3.47
CA ARG G 27 11.01 -18.25 -4.72
C ARG G 27 10.49 -19.27 -5.72
N VAL G 28 10.33 -20.52 -5.29
CA VAL G 28 9.82 -21.57 -6.18
C VAL G 28 8.46 -21.18 -6.73
N LEU G 29 7.61 -20.58 -5.89
CA LEU G 29 6.27 -20.22 -6.34
C LEU G 29 6.31 -19.16 -7.44
N ILE G 30 6.98 -18.04 -7.18
CA ILE G 30 6.96 -16.94 -8.15
C ILE G 30 7.76 -17.31 -9.40
N ASP G 31 8.78 -18.15 -9.25
CA ASP G 31 9.55 -18.57 -10.42
C ASP G 31 8.76 -19.52 -11.30
N GLY G 32 7.86 -20.31 -10.71
CA GLY G 32 6.98 -21.15 -11.51
C GLY G 32 5.83 -20.43 -12.16
N THR G 33 5.67 -19.15 -11.86
CA THR G 33 4.57 -18.36 -12.40
C THR G 33 5.10 -17.44 -13.50
N PRO G 34 4.44 -17.38 -14.66
CA PRO G 34 4.95 -16.51 -15.74
C PRO G 34 4.57 -15.05 -15.58
N ASN G 35 3.52 -14.73 -14.84
CA ASN G 35 3.15 -13.33 -14.63
C ASN G 35 4.21 -12.63 -13.78
N PRO G 36 4.41 -11.34 -13.97
CA PRO G 36 5.35 -10.60 -13.11
C PRO G 36 4.92 -10.65 -11.65
N ILE G 37 5.85 -11.07 -10.79
CA ILE G 37 5.62 -11.10 -9.34
C ILE G 37 6.86 -10.60 -8.64
N TYR G 38 6.65 -9.92 -7.52
CA TYR G 38 7.73 -9.43 -6.66
C TYR G 38 7.34 -9.61 -5.22
N VAL G 39 8.33 -9.58 -4.34
CA VAL G 39 8.13 -9.64 -2.89
C VAL G 39 8.96 -8.55 -2.26
N ARG G 40 8.34 -7.75 -1.38
CA ARG G 40 9.02 -6.70 -0.65
C ARG G 40 8.74 -6.84 0.84
N ASP G 41 9.74 -6.46 1.64
CA ASP G 41 9.64 -6.57 3.10
C ASP G 41 8.98 -5.30 3.66
N LYS G 42 8.99 -5.16 4.99
CA LYS G 42 8.32 -4.03 5.64
C LYS G 42 9.07 -2.72 5.46
N GLU G 43 10.28 -2.75 4.91
CA GLU G 43 11.00 -1.52 4.58
C GLU G 43 10.81 -1.11 3.13
N GLY G 44 10.01 -1.84 2.36
CA GLY G 44 9.83 -1.55 0.96
C GLY G 44 10.91 -2.10 0.07
N ARG G 45 11.82 -2.92 0.59
CA ARG G 45 12.94 -3.43 -0.18
C ARG G 45 12.60 -4.77 -0.79
N MET G 46 13.07 -4.99 -2.02
CA MET G 46 12.72 -6.18 -2.77
C MET G 46 13.52 -7.37 -2.26
N LEU G 47 12.81 -8.42 -1.83
CA LEU G 47 13.45 -9.69 -1.48
C LEU G 47 13.47 -10.66 -2.64
N LEU G 48 12.46 -10.63 -3.51
CA LEU G 48 12.35 -11.59 -4.60
C LEU G 48 11.61 -10.95 -5.77
N CYS G 49 11.93 -11.42 -6.97
CA CYS G 49 11.14 -11.15 -8.17
C CYS G 49 11.48 -12.23 -9.19
N ASN G 50 10.58 -12.42 -10.14
CA ASN G 50 10.79 -13.40 -11.19
C ASN G 50 11.31 -12.70 -12.45
N ASP G 51 11.57 -13.50 -13.49
CA ASP G 51 12.21 -12.98 -14.68
C ASP G 51 11.25 -12.16 -15.55
N ALA G 52 9.96 -12.48 -15.52
CA ALA G 52 8.99 -11.64 -16.23
C ALA G 52 9.03 -10.21 -15.70
N TYR G 53 9.25 -10.06 -14.40
CA TYR G 53 9.42 -8.73 -13.83
C TYR G 53 10.67 -8.05 -14.39
N LEU G 54 11.80 -8.77 -14.37
CA LEU G 54 13.06 -8.19 -14.83
C LEU G 54 12.98 -7.81 -16.31
N ASP G 55 12.35 -8.65 -17.13
CA ASP G 55 12.26 -8.35 -18.56
C ASP G 55 11.30 -7.20 -18.82
N THR G 56 10.25 -7.06 -18.03
CA THR G 56 9.30 -5.97 -18.24
C THR G 56 10.03 -4.62 -18.23
N PHE G 57 10.88 -4.41 -17.23
CA PHE G 57 11.65 -3.18 -17.11
C PHE G 57 13.03 -3.28 -17.77
N GLY G 58 13.36 -4.41 -18.38
CA GLY G 58 14.63 -4.55 -19.06
C GLY G 58 15.82 -4.32 -18.14
N VAL G 59 15.77 -4.86 -16.93
CA VAL G 59 16.79 -4.64 -15.92
C VAL G 59 17.38 -5.98 -15.50
N THR G 60 18.47 -5.91 -14.76
CA THR G 60 19.09 -7.07 -14.12
C THR G 60 18.61 -7.17 -12.68
N ALA G 61 18.80 -8.36 -12.10
CA ALA G 61 18.38 -8.58 -10.72
C ALA G 61 19.17 -7.72 -9.74
N ASP G 62 20.43 -7.43 -10.05
CA ASP G 62 21.24 -6.62 -9.15
C ASP G 62 20.67 -5.22 -8.97
N ALA G 63 19.96 -4.71 -9.98
CA ALA G 63 19.47 -3.34 -9.94
C ALA G 63 18.19 -3.18 -9.14
N VAL G 64 17.55 -4.26 -8.70
CA VAL G 64 16.28 -4.20 -8.01
C VAL G 64 16.34 -4.88 -6.66
N LEU G 65 17.03 -6.01 -6.58
CA LEU G 65 17.04 -6.79 -5.35
C LEU G 65 17.63 -5.97 -4.19
N GLY G 66 17.03 -6.12 -3.02
CA GLY G 66 17.48 -5.42 -1.84
C GLY G 66 17.25 -3.92 -1.85
N LYS G 67 16.62 -3.39 -2.89
CA LYS G 67 16.43 -1.95 -3.04
C LYS G 67 14.96 -1.59 -2.91
N THR G 68 14.72 -0.33 -2.56
CA THR G 68 13.38 0.22 -2.52
C THR G 68 12.95 0.62 -3.94
N ILE G 69 11.71 1.07 -4.09
CA ILE G 69 11.20 1.51 -5.38
C ILE G 69 11.91 2.79 -5.81
N PRO G 70 12.13 3.78 -4.93
CA PRO G 70 12.85 4.99 -5.35
C PRO G 70 14.29 4.71 -5.71
N GLU G 71 14.99 3.94 -4.87
CA GLU G 71 16.19 3.27 -5.34
C GLU G 71 15.82 2.38 -6.53
N ALA G 72 16.81 2.07 -7.35
CA ALA G 72 16.56 1.27 -8.56
C ALA G 72 15.78 2.07 -9.59
N ASN G 73 14.60 2.55 -9.21
CA ASN G 73 13.79 3.44 -10.05
C ASN G 73 13.58 2.84 -11.44
N VAL G 74 12.92 1.67 -11.46
CA VAL G 74 12.68 0.98 -12.72
C VAL G 74 11.61 1.68 -13.54
N VAL G 75 10.75 2.48 -12.90
CA VAL G 75 9.71 3.20 -13.64
C VAL G 75 10.25 4.43 -14.36
N GLY G 76 11.51 4.79 -14.12
CA GLY G 76 12.09 5.94 -14.80
C GLY G 76 11.44 7.26 -14.47
N ASP G 77 10.81 7.34 -13.29
CA ASP G 77 10.08 8.55 -12.89
C ASP G 77 10.25 8.71 -11.38
N PRO G 78 11.28 9.44 -10.95
CA PRO G 78 11.55 9.55 -9.51
C PRO G 78 10.34 10.02 -8.70
N ALA G 79 9.59 10.99 -9.21
CA ALA G 79 8.41 11.47 -8.50
C ALA G 79 7.40 10.35 -8.32
N LEU G 80 7.12 9.62 -9.41
CA LEU G 80 6.20 8.48 -9.32
C LEU G 80 6.75 7.42 -8.36
N ALA G 81 8.03 7.09 -8.49
CA ALA G 81 8.62 6.09 -7.61
C ALA G 81 8.48 6.48 -6.14
N ARG G 82 8.72 7.76 -5.84
CA ARG G 82 8.58 8.22 -4.46
C ARG G 82 7.13 8.14 -3.99
N GLU G 83 6.17 8.43 -4.87
CA GLU G 83 4.76 8.30 -4.51
C GLU G 83 4.43 6.86 -4.14
N MET G 84 4.81 5.91 -5.01
CA MET G 84 4.51 4.51 -4.75
C MET G 84 5.10 4.06 -3.42
N HIS G 85 6.37 4.41 -3.17
CA HIS G 85 7.01 4.03 -1.92
C HIS G 85 6.34 4.70 -0.73
N GLU G 86 6.02 5.99 -0.85
CA GLU G 86 5.42 6.72 0.25
C GLU G 86 4.18 6.01 0.78
N PHE G 87 3.36 5.47 -0.13
CA PHE G 87 2.11 4.81 0.27
C PHE G 87 2.27 3.31 0.41
N LEU G 88 3.35 2.73 -0.11
CA LEU G 88 3.69 1.37 0.28
C LEU G 88 3.95 1.29 1.78
N LEU G 89 4.60 2.32 2.34
CA LEU G 89 4.87 2.33 3.77
C LEU G 89 3.61 2.51 4.60
N THR G 90 2.54 3.09 4.03
CA THR G 90 1.28 3.24 4.75
C THR G 90 0.50 1.94 4.83
N ARG G 91 0.86 0.93 4.04
CA ARG G 91 0.12 -0.32 3.97
C ARG G 91 0.88 -1.51 4.53
N VAL G 92 2.20 -1.58 4.32
CA VAL G 92 2.94 -2.82 4.52
C VAL G 92 2.89 -3.27 5.97
N ALA G 93 2.81 -2.34 6.91
CA ALA G 93 2.87 -2.66 8.33
C ALA G 93 1.50 -2.79 8.99
N ALA G 94 0.42 -2.55 8.24
CA ALA G 94 -0.90 -2.53 8.85
C ALA G 94 -1.94 -3.32 8.05
N GLU G 95 -1.97 -3.11 6.73
CA GLU G 95 -3.04 -3.64 5.89
C GLU G 95 -2.84 -5.14 5.69
N ARG G 96 -3.82 -5.93 6.11
CA ARG G 96 -3.78 -7.38 5.95
C ARG G 96 -4.71 -7.88 4.85
N GLU G 97 -5.56 -7.00 4.27
CA GLU G 97 -6.42 -7.49 3.20
C GLU G 97 -5.74 -7.28 1.84
N PRO G 98 -6.04 -8.12 0.86
CA PRO G 98 -5.48 -7.92 -0.48
C PRO G 98 -6.01 -6.63 -1.10
N ARG G 99 -5.22 -6.07 -2.01
CA ARG G 99 -5.58 -4.86 -2.73
C ARG G 99 -5.38 -5.06 -4.22
N PHE G 100 -6.25 -4.42 -5.00
CA PHE G 100 -6.18 -4.46 -6.45
C PHE G 100 -6.39 -3.05 -6.99
N GLU G 101 -5.63 -2.69 -8.01
CA GLU G 101 -5.67 -1.35 -8.56
C GLU G 101 -5.60 -1.39 -10.07
N ASP G 102 -6.43 -0.58 -10.72
CA ASP G 102 -6.51 -0.47 -12.18
C ASP G 102 -5.66 0.72 -12.59
N ARG G 103 -4.50 0.45 -13.21
CA ARG G 103 -3.51 1.48 -13.46
C ARG G 103 -3.10 1.53 -14.92
N ASP G 104 -3.08 2.73 -15.48
CA ASP G 104 -2.44 3.01 -16.76
C ASP G 104 -1.00 3.44 -16.45
N VAL G 105 -0.04 2.64 -16.88
CA VAL G 105 1.36 2.85 -16.55
C VAL G 105 2.14 3.18 -17.81
N THR G 106 3.11 4.09 -17.68
CA THR G 106 3.93 4.55 -18.78
C THR G 106 5.35 4.06 -18.57
N LEU G 107 5.82 3.22 -19.49
CA LEU G 107 7.22 2.78 -19.51
C LEU G 107 7.86 3.18 -20.83
N HIS G 108 9.16 3.47 -20.78
CA HIS G 108 9.88 3.97 -21.94
C HIS G 108 9.21 5.25 -22.46
N GLY G 109 8.16 5.10 -23.26
CA GLY G 109 7.44 6.25 -23.77
C GLY G 109 6.00 5.97 -24.13
N ARG G 110 5.56 4.72 -23.96
CA ARG G 110 4.21 4.31 -24.29
C ARG G 110 3.49 3.85 -23.03
N THR G 111 2.18 4.12 -22.99
CA THR G 111 1.36 3.73 -21.85
C THR G 111 0.79 2.34 -22.08
N ARG G 112 0.78 1.53 -21.02
CA ARG G 112 0.24 0.18 -21.05
C ARG G 112 -0.69 -0.01 -19.87
N HIS G 113 -1.75 -0.77 -20.09
CA HIS G 113 -2.81 -0.94 -19.11
C HIS G 113 -2.59 -2.26 -18.38
N VAL G 114 -2.50 -2.20 -17.04
CA VAL G 114 -2.29 -3.37 -16.22
C VAL G 114 -3.17 -3.29 -14.98
N TYR G 115 -3.36 -4.44 -14.33
CA TYR G 115 -4.11 -4.54 -13.09
C TYR G 115 -3.14 -5.01 -12.00
N GLN G 116 -2.79 -4.12 -11.08
CA GLN G 116 -1.84 -4.43 -10.03
C GLN G 116 -2.54 -5.08 -8.84
N TRP G 117 -1.82 -5.96 -8.16
CA TRP G 117 -2.34 -6.63 -6.96
C TRP G 117 -1.22 -6.77 -5.94
N THR G 118 -1.61 -6.80 -4.67
CA THR G 118 -0.68 -7.04 -3.57
C THR G 118 -1.37 -7.89 -2.51
N ILE G 119 -0.67 -8.90 -2.02
CA ILE G 119 -1.17 -9.79 -0.98
C ILE G 119 -0.23 -9.66 0.22
N PRO G 120 -0.72 -9.26 1.38
CA PRO G 120 0.14 -9.29 2.58
C PRO G 120 0.40 -10.72 3.03
N TYR G 121 1.57 -10.91 3.65
CA TYR G 121 1.92 -12.20 4.22
C TYR G 121 2.71 -11.97 5.50
N GLY G 122 2.54 -12.89 6.45
CA GLY G 122 3.20 -12.79 7.74
C GLY G 122 3.84 -14.08 8.17
N ASP G 123 4.38 -14.10 9.40
CA ASP G 123 5.03 -15.28 9.94
C ASP G 123 4.01 -16.15 10.67
N SER G 124 4.48 -17.30 11.18
CA SER G 124 3.60 -18.18 11.93
C SER G 124 3.06 -17.51 13.18
N LEU G 125 3.74 -16.48 13.69
CA LEU G 125 3.30 -15.78 14.89
C LEU G 125 2.15 -14.81 14.63
N GLY G 126 1.88 -14.47 13.38
CA GLY G 126 0.83 -13.53 13.04
C GLY G 126 1.30 -12.13 12.72
N GLU G 127 2.60 -11.89 12.70
CA GLU G 127 3.15 -10.57 12.38
C GLU G 127 3.37 -10.45 10.87
N LEU G 128 2.98 -9.31 10.32
CA LEU G 128 3.22 -9.04 8.91
C LEU G 128 4.71 -8.92 8.63
N LYS G 129 5.15 -9.47 7.49
CA LYS G 129 6.56 -9.46 7.12
C LYS G 129 6.82 -8.92 5.72
N GLY G 130 5.80 -8.67 4.92
CA GLY G 130 6.00 -8.12 3.60
C GLY G 130 4.76 -8.25 2.76
N ILE G 131 4.90 -7.93 1.48
CA ILE G 131 3.81 -8.06 0.51
C ILE G 131 4.30 -8.86 -0.68
N ILE G 132 3.42 -9.72 -1.19
CA ILE G 132 3.58 -10.33 -2.50
C ILE G 132 2.75 -9.50 -3.46
N GLY G 133 3.35 -9.09 -4.58
CA GLY G 133 2.67 -8.22 -5.52
C GLY G 133 2.98 -8.59 -6.95
N GLY G 134 2.14 -8.08 -7.84
CA GLY G 134 2.34 -8.29 -9.26
C GLY G 134 1.35 -7.48 -10.05
N TRP G 135 1.22 -7.82 -11.33
CA TRP G 135 0.23 -7.18 -12.18
C TRP G 135 -0.11 -8.09 -13.34
N ILE G 136 -1.27 -7.84 -13.93
CA ILE G 136 -1.76 -8.58 -15.09
C ILE G 136 -1.93 -7.59 -16.23
N ASP G 137 -1.34 -7.91 -17.38
CA ASP G 137 -1.46 -7.06 -18.56
C ASP G 137 -2.89 -7.10 -19.09
N ILE G 138 -3.42 -5.93 -19.44
CA ILE G 138 -4.77 -5.80 -19.97
C ILE G 138 -4.65 -5.02 -21.28
N THR G 139 -4.76 -5.72 -22.41
CA THR G 139 -4.69 -5.07 -23.71
C THR G 139 -6.04 -4.46 -24.05
N GLU G 140 -6.01 -3.21 -24.52
CA GLU G 140 -7.24 -2.51 -24.88
C GLU G 140 -8.03 -3.32 -25.90
N ARG G 141 -9.36 -3.17 -25.86
CA ARG G 141 -10.19 -3.86 -26.83
C ARG G 141 -9.84 -3.47 -28.26
N ALA G 142 -9.42 -2.22 -28.46
CA ALA G 142 -9.08 -1.77 -29.81
C ALA G 142 -7.88 -2.51 -30.37
N GLU G 143 -6.83 -2.69 -29.55
CA GLU G 143 -5.66 -3.42 -30.02
C GLU G 143 -6.00 -4.85 -30.38
N LEU G 144 -6.88 -5.49 -29.60
CA LEU G 144 -7.30 -6.86 -29.91
C LEU G 144 -8.03 -6.91 -31.25
N LEU G 145 -8.82 -5.88 -31.56
CA LEU G 145 -9.49 -5.82 -32.86
C LEU G 145 -8.48 -5.65 -33.99
N ARG G 146 -7.50 -4.75 -33.80
CA ARG G 146 -6.48 -4.55 -34.81
C ARG G 146 -5.75 -5.86 -35.12
N LYS G 147 -5.24 -6.52 -34.09
CA LYS G 147 -4.55 -7.79 -34.32
C LYS G 147 -5.47 -8.81 -34.97
N LEU G 148 -6.76 -8.79 -34.59
CA LEU G 148 -7.72 -9.70 -35.21
C LEU G 148 -7.98 -9.31 -36.66
N HIS G 149 -8.27 -8.04 -36.91
CA HIS G 149 -8.50 -7.58 -38.28
C HIS G 149 -7.27 -7.84 -39.14
N ASP G 150 -6.09 -7.43 -38.68
CA ASP G 150 -4.87 -7.65 -39.44
C ASP G 150 -4.66 -9.13 -39.74
N LEU G 151 -5.05 -10.00 -38.81
CA LEU G 151 -4.89 -11.44 -39.03
C LEU G 151 -5.79 -11.91 -40.17
N LYS G 152 -7.06 -11.49 -40.16
CA LYS G 152 -7.97 -11.89 -41.22
C LYS G 152 -7.51 -11.35 -42.57
N GLU G 153 -6.96 -10.15 -42.58
CA GLU G 153 -6.55 -9.54 -43.85
C GLU G 153 -5.44 -10.34 -44.52
N SER G 154 -4.63 -11.06 -43.74
CA SER G 154 -3.54 -11.86 -44.31
C SER G 154 -4.05 -13.05 -45.10
N LEU G 155 -5.32 -13.41 -44.96
CA LEU G 155 -5.89 -14.54 -45.69
C LEU G 155 -6.84 -14.05 -46.80
N ASP H 21 10.91 -38.62 -35.83
CA ASP H 21 11.07 -37.77 -37.01
C ASP H 21 10.62 -36.34 -36.66
N GLN H 22 9.76 -35.76 -37.50
CA GLN H 22 9.23 -34.43 -37.22
C GLN H 22 8.28 -34.41 -36.04
N LEU H 23 7.82 -35.58 -35.59
CA LEU H 23 6.85 -35.61 -34.48
C LEU H 23 7.51 -35.35 -33.14
N GLU H 24 8.77 -35.76 -32.96
CA GLU H 24 9.45 -35.52 -31.70
C GLU H 24 9.74 -34.04 -31.48
N PHE H 25 9.78 -33.25 -32.55
CA PHE H 25 9.92 -31.80 -32.38
C PHE H 25 8.61 -31.19 -31.89
N MET H 26 7.49 -31.58 -32.50
CA MET H 26 6.19 -31.04 -32.08
C MET H 26 5.81 -31.52 -30.70
N ARG H 27 6.32 -32.68 -30.27
CA ARG H 27 6.05 -33.17 -28.93
C ARG H 27 6.57 -32.20 -27.87
N VAL H 28 7.77 -31.66 -28.09
CA VAL H 28 8.32 -30.69 -27.13
C VAL H 28 7.48 -29.43 -27.11
N LEU H 29 6.95 -29.02 -28.26
CA LEU H 29 6.17 -27.79 -28.33
C LEU H 29 4.87 -27.92 -27.56
N ILE H 30 4.08 -28.96 -27.85
CA ILE H 30 2.76 -29.07 -27.24
C ILE H 30 2.88 -29.43 -25.76
N ASP H 31 3.91 -30.17 -25.38
CA ASP H 31 4.08 -30.51 -23.97
C ASP H 31 4.45 -29.30 -23.13
N GLY H 32 5.17 -28.35 -23.72
CA GLY H 32 5.51 -27.12 -23.04
C GLY H 32 4.42 -26.07 -23.04
N THR H 33 3.27 -26.38 -23.64
CA THR H 33 2.15 -25.47 -23.72
C THR H 33 1.01 -25.98 -22.82
N PRO H 34 0.49 -25.15 -21.92
CA PRO H 34 -0.53 -25.64 -20.98
C PRO H 34 -1.91 -25.82 -21.60
N ASN H 35 -2.21 -25.13 -22.69
CA ASN H 35 -3.52 -25.29 -23.31
C ASN H 35 -3.63 -26.69 -23.93
N PRO H 36 -4.85 -27.22 -24.04
CA PRO H 36 -5.00 -28.56 -24.66
C PRO H 36 -4.64 -28.52 -26.13
N ILE H 37 -3.73 -29.40 -26.54
CA ILE H 37 -3.29 -29.48 -27.93
C ILE H 37 -3.19 -30.94 -28.34
N TYR H 38 -3.43 -31.19 -29.62
CA TYR H 38 -3.35 -32.53 -30.19
C TYR H 38 -2.81 -32.44 -31.61
N VAL H 39 -2.28 -33.56 -32.09
CA VAL H 39 -1.80 -33.69 -33.46
C VAL H 39 -2.40 -34.96 -34.04
N ARG H 40 -2.96 -34.86 -35.25
CA ARG H 40 -3.62 -35.98 -35.89
C ARG H 40 -3.01 -36.21 -37.27
N ASP H 41 -3.15 -37.44 -37.75
CA ASP H 41 -2.41 -37.88 -38.93
C ASP H 41 -2.98 -37.26 -40.21
N LYS H 42 -4.27 -37.51 -40.46
CA LYS H 42 -4.99 -37.12 -41.67
C LYS H 42 -6.11 -38.13 -41.84
N GLU H 43 -5.86 -39.36 -41.41
CA GLU H 43 -6.87 -40.38 -41.24
C GLU H 43 -7.73 -40.14 -40.01
N GLY H 44 -7.43 -39.11 -39.22
CA GLY H 44 -8.09 -38.94 -37.94
C GLY H 44 -7.41 -39.71 -36.83
N ARG H 45 -6.10 -39.90 -36.92
CA ARG H 45 -5.36 -40.81 -36.06
C ARG H 45 -4.51 -39.99 -35.10
N MET H 46 -4.85 -40.06 -33.81
CA MET H 46 -4.14 -39.31 -32.78
C MET H 46 -2.65 -39.62 -32.79
N LEU H 47 -1.84 -38.64 -33.16
CA LEU H 47 -0.38 -38.80 -33.11
C LEU H 47 0.21 -38.28 -31.80
N LEU H 48 -0.29 -37.15 -31.31
CA LEU H 48 0.24 -36.54 -30.10
C LEU H 48 -0.87 -35.80 -29.37
N CYS H 49 -0.64 -35.55 -28.09
CA CYS H 49 -1.55 -34.76 -27.27
C CYS H 49 -0.90 -34.51 -25.93
N ASN H 50 -1.02 -33.28 -25.42
CA ASN H 50 -0.42 -32.95 -24.15
C ASN H 50 -1.35 -33.36 -23.00
N ASP H 51 -0.84 -33.23 -21.78
CA ASP H 51 -1.56 -33.70 -20.60
C ASP H 51 -2.81 -32.87 -20.33
N ALA H 52 -2.87 -31.63 -20.82
CA ALA H 52 -4.10 -30.85 -20.69
C ALA H 52 -5.24 -31.49 -21.48
N TYR H 53 -4.92 -32.07 -22.64
CA TYR H 53 -5.93 -32.78 -23.42
C TYR H 53 -6.44 -33.99 -22.64
N LEU H 54 -5.53 -34.82 -22.13
CA LEU H 54 -5.93 -36.04 -21.45
C LEU H 54 -6.72 -35.74 -20.18
N ASP H 55 -6.31 -34.72 -19.42
CA ASP H 55 -7.03 -34.38 -18.20
C ASP H 55 -8.44 -33.89 -18.49
N THR H 56 -8.64 -33.21 -19.62
CA THR H 56 -9.98 -32.74 -19.96
C THR H 56 -10.98 -33.89 -20.00
N PHE H 57 -10.59 -35.00 -20.64
CA PHE H 57 -11.45 -36.18 -20.74
C PHE H 57 -11.17 -37.21 -19.65
N GLY H 58 -10.14 -37.00 -18.84
CA GLY H 58 -9.83 -37.94 -17.77
C GLY H 58 -9.51 -39.32 -18.30
N VAL H 59 -8.61 -39.40 -19.28
CA VAL H 59 -8.21 -40.67 -19.87
C VAL H 59 -6.69 -40.72 -19.94
N THR H 60 -6.17 -41.93 -20.07
CA THR H 60 -4.74 -42.14 -20.22
C THR H 60 -4.33 -41.87 -21.67
N ALA H 61 -3.02 -41.78 -21.89
CA ALA H 61 -2.51 -41.59 -23.24
C ALA H 61 -2.80 -42.80 -24.11
N ASP H 62 -2.52 -44.00 -23.60
CA ASP H 62 -2.71 -45.21 -24.39
C ASP H 62 -4.13 -45.35 -24.92
N ALA H 63 -5.11 -44.69 -24.28
CA ALA H 63 -6.50 -44.85 -24.68
C ALA H 63 -6.86 -44.05 -25.93
N VAL H 64 -6.04 -43.09 -26.32
CA VAL H 64 -6.37 -42.18 -27.42
C VAL H 64 -5.38 -42.28 -28.57
N LEU H 65 -4.08 -42.40 -28.27
CA LEU H 65 -3.06 -42.39 -29.31
C LEU H 65 -3.30 -43.51 -30.32
N GLY H 66 -4.18 -43.25 -31.29
CA GLY H 66 -4.55 -44.23 -32.28
C GLY H 66 -6.02 -44.15 -32.66
N LYS H 67 -6.34 -43.29 -33.62
CA LYS H 67 -7.71 -43.15 -34.11
C LYS H 67 -8.62 -42.59 -33.02
N THR H 68 -9.92 -42.82 -33.14
CA THR H 68 -10.89 -42.43 -32.13
C THR H 68 -11.80 -43.61 -31.77
N GLU H 83 -17.55 -36.63 -25.02
CA GLU H 83 -16.85 -37.32 -26.09
C GLU H 83 -15.76 -36.45 -26.71
N MET H 84 -14.85 -37.10 -27.45
CA MET H 84 -13.81 -36.37 -28.15
C MET H 84 -14.30 -35.83 -29.48
N HIS H 85 -15.29 -36.48 -30.10
CA HIS H 85 -15.72 -36.09 -31.44
C HIS H 85 -16.13 -34.63 -31.47
N GLU H 86 -17.03 -34.22 -30.59
CA GLU H 86 -17.51 -32.84 -30.58
C GLU H 86 -16.42 -31.85 -30.19
N PHE H 87 -15.41 -32.29 -29.45
CA PHE H 87 -14.32 -31.40 -29.05
C PHE H 87 -13.34 -31.12 -30.18
N LEU H 88 -13.30 -31.98 -31.21
CA LEU H 88 -12.40 -31.77 -32.34
C LEU H 88 -13.17 -31.23 -33.55
N GLU H 95 -8.72 -27.32 -45.41
CA GLU H 95 -7.70 -28.27 -44.98
C GLU H 95 -6.30 -27.67 -45.10
N ARG H 96 -6.15 -26.68 -45.97
CA ARG H 96 -4.87 -26.03 -46.19
C ARG H 96 -4.71 -24.72 -45.44
N GLU H 97 -5.81 -24.16 -44.93
CA GLU H 97 -5.75 -22.90 -44.21
C GLU H 97 -6.16 -23.09 -42.76
N PRO H 98 -5.69 -22.24 -41.85
CA PRO H 98 -6.12 -22.35 -40.45
C PRO H 98 -7.63 -22.23 -40.33
N ARG H 99 -8.22 -23.10 -39.52
CA ARG H 99 -9.64 -23.10 -39.26
C ARG H 99 -9.90 -22.82 -37.79
N PHE H 100 -10.94 -22.02 -37.52
CA PHE H 100 -11.35 -21.69 -36.17
C PHE H 100 -12.86 -21.81 -36.08
N GLU H 101 -13.36 -22.32 -34.96
CA GLU H 101 -14.78 -22.50 -34.77
C GLU H 101 -15.13 -22.19 -33.32
N ASP H 102 -16.42 -21.90 -33.10
CA ASP H 102 -16.93 -21.46 -31.81
C ASP H 102 -18.11 -22.35 -31.45
N ARG H 103 -17.94 -23.23 -30.47
CA ARG H 103 -18.94 -24.25 -30.16
C ARG H 103 -19.08 -24.40 -28.65
N ASP H 104 -20.32 -24.69 -28.23
CA ASP H 104 -20.58 -25.17 -26.88
C ASP H 104 -20.42 -26.68 -26.85
N VAL H 105 -19.74 -27.18 -25.83
CA VAL H 105 -19.49 -28.61 -25.69
C VAL H 105 -20.02 -29.06 -24.33
N THR H 106 -20.48 -30.31 -24.29
CA THR H 106 -20.92 -30.95 -23.07
C THR H 106 -19.90 -32.01 -22.67
N LEU H 107 -19.54 -32.04 -21.39
CA LEU H 107 -18.48 -32.91 -20.90
C LEU H 107 -18.89 -33.41 -19.53
N HIS H 108 -19.13 -34.72 -19.42
CA HIS H 108 -19.52 -35.33 -18.15
C HIS H 108 -20.80 -34.71 -17.62
N GLY H 109 -21.73 -34.39 -18.52
CA GLY H 109 -23.04 -33.90 -18.13
C GLY H 109 -23.22 -32.41 -18.29
N ARG H 110 -22.22 -31.64 -17.90
CA ARG H 110 -22.32 -30.19 -17.91
C ARG H 110 -21.92 -29.64 -19.27
N THR H 111 -22.34 -28.41 -19.54
CA THR H 111 -22.02 -27.72 -20.77
C THR H 111 -21.00 -26.62 -20.50
N ARG H 112 -20.09 -26.43 -21.44
CA ARG H 112 -19.09 -25.38 -21.35
C ARG H 112 -18.86 -24.79 -22.74
N HIS H 113 -18.21 -23.64 -22.77
CA HIS H 113 -17.98 -22.87 -23.98
C HIS H 113 -16.49 -22.86 -24.29
N VAL H 114 -16.13 -23.25 -25.52
CA VAL H 114 -14.75 -23.33 -25.94
C VAL H 114 -14.61 -22.77 -27.34
N TYR H 115 -13.39 -22.32 -27.67
CA TYR H 115 -13.05 -21.84 -29.00
C TYR H 115 -12.04 -22.79 -29.61
N GLN H 116 -12.41 -23.44 -30.71
CA GLN H 116 -11.58 -24.46 -31.34
C GLN H 116 -10.72 -23.86 -32.45
N TRP H 117 -9.59 -24.50 -32.72
CA TRP H 117 -8.67 -24.06 -33.75
C TRP H 117 -7.88 -25.25 -34.28
N THR H 118 -7.48 -25.16 -35.55
CA THR H 118 -6.70 -26.21 -36.19
C THR H 118 -5.77 -25.59 -37.22
N ILE H 119 -4.50 -25.99 -37.19
CA ILE H 119 -3.48 -25.52 -38.14
C ILE H 119 -2.96 -26.75 -38.88
N PRO H 120 -3.01 -26.77 -40.22
CA PRO H 120 -2.37 -27.86 -40.95
C PRO H 120 -0.89 -27.60 -41.15
N TYR H 121 -0.11 -28.68 -41.10
CA TYR H 121 1.32 -28.61 -41.35
C TYR H 121 1.67 -29.55 -42.50
N GLY H 122 2.52 -29.08 -43.41
CA GLY H 122 2.83 -29.78 -44.63
C GLY H 122 4.15 -30.52 -44.58
N ASP H 123 4.46 -31.16 -45.71
CA ASP H 123 5.69 -31.94 -45.86
C ASP H 123 6.87 -31.02 -46.10
N SER H 124 8.06 -31.60 -46.13
CA SER H 124 9.28 -30.86 -46.41
C SER H 124 9.25 -30.31 -47.84
N GLY H 126 6.49 -30.20 -49.38
CA GLY H 126 5.36 -30.88 -49.99
C GLY H 126 4.03 -30.29 -49.58
N GLU H 127 3.17 -31.10 -48.96
CA GLU H 127 1.85 -30.63 -48.56
C GLU H 127 1.21 -31.65 -47.63
N LEU H 128 0.22 -31.16 -46.86
CA LEU H 128 -0.58 -31.93 -45.92
C LEU H 128 0.05 -33.24 -45.45
N LYS H 129 0.56 -33.24 -44.21
CA LYS H 129 0.97 -34.46 -43.53
C LYS H 129 0.31 -34.60 -42.16
N GLY H 130 -0.50 -33.64 -41.74
CA GLY H 130 -1.13 -33.71 -40.44
C GLY H 130 -1.75 -32.37 -40.08
N ILE H 131 -2.23 -32.29 -38.85
CA ILE H 131 -2.95 -31.11 -38.40
C ILE H 131 -2.76 -30.95 -36.90
N ILE H 132 -2.55 -29.71 -36.47
CA ILE H 132 -2.38 -29.36 -35.06
C ILE H 132 -3.62 -28.61 -34.61
N GLY H 133 -4.25 -29.09 -33.53
CA GLY H 133 -5.50 -28.51 -33.09
C GLY H 133 -5.55 -28.36 -31.58
N GLY H 134 -6.61 -27.70 -31.13
CA GLY H 134 -6.80 -27.45 -29.71
C GLY H 134 -7.98 -26.52 -29.51
N TRP H 135 -8.18 -26.14 -28.25
CA TRP H 135 -9.26 -25.21 -27.93
C TRP H 135 -8.84 -24.31 -26.77
N ILE H 136 -9.56 -23.20 -26.63
CA ILE H 136 -9.36 -22.24 -25.57
C ILE H 136 -10.66 -22.13 -24.79
N ASP H 137 -10.61 -22.35 -23.49
CA ASP H 137 -11.80 -22.22 -22.66
C ASP H 137 -12.26 -20.78 -22.60
N ILE H 138 -13.57 -20.59 -22.63
CA ILE H 138 -14.19 -19.27 -22.61
C ILE H 138 -15.29 -19.31 -21.55
N THR H 139 -15.04 -18.68 -20.41
CA THR H 139 -16.03 -18.67 -19.33
C THR H 139 -17.06 -17.58 -19.59
N GLU H 140 -18.31 -17.87 -19.25
CA GLU H 140 -19.39 -16.92 -19.47
C GLU H 140 -19.18 -15.67 -18.61
N ARG H 141 -19.63 -14.53 -19.14
CA ARG H 141 -19.51 -13.27 -18.40
C ARG H 141 -20.21 -13.37 -17.05
N ALA H 142 -21.40 -14.00 -17.01
CA ALA H 142 -22.13 -14.10 -15.76
C ALA H 142 -21.35 -14.87 -14.70
N GLU H 143 -20.56 -15.87 -15.12
CA GLU H 143 -19.76 -16.62 -14.17
C GLU H 143 -18.60 -15.77 -13.66
N LEU H 144 -17.96 -15.00 -14.54
CA LEU H 144 -16.89 -14.11 -14.10
C LEU H 144 -17.41 -13.08 -13.11
N LEU H 145 -18.60 -12.53 -13.35
CA LEU H 145 -19.20 -11.61 -12.40
C LEU H 145 -19.44 -12.29 -11.06
N ARG H 146 -19.93 -13.53 -11.08
CA ARG H 146 -20.16 -14.27 -9.84
C ARG H 146 -18.88 -14.41 -9.04
N LYS H 147 -17.85 -15.00 -9.66
CA LYS H 147 -16.58 -15.18 -8.95
C LYS H 147 -16.02 -13.84 -8.49
N LEU H 148 -16.16 -12.81 -9.32
CA LEU H 148 -15.73 -11.47 -8.92
C LEU H 148 -16.53 -10.97 -7.72
N HIS H 149 -17.86 -11.07 -7.80
CA HIS H 149 -18.71 -10.64 -6.70
C HIS H 149 -18.42 -11.46 -5.45
N ASP H 150 -18.30 -12.79 -5.59
CA ASP H 150 -18.02 -13.62 -4.43
C ASP H 150 -16.70 -13.23 -3.77
N LEU H 151 -15.69 -12.92 -4.58
CA LEU H 151 -14.40 -12.50 -4.03
C LEU H 151 -14.57 -11.28 -3.14
N LYS H 152 -15.14 -10.20 -3.69
CA LYS H 152 -15.32 -8.97 -2.93
C LYS H 152 -16.06 -9.23 -1.63
N GLU H 153 -17.04 -10.14 -1.66
CA GLU H 153 -17.84 -10.43 -0.46
C GLU H 153 -16.95 -10.81 0.72
N SER H 154 -15.87 -11.54 0.46
CA SER H 154 -14.96 -11.98 1.52
C SER H 154 -13.88 -10.93 1.76
#